data_6STY
#
_entry.id   6STY
#
_cell.length_a   88.303
_cell.length_b   88.303
_cell.length_c   123.773
_cell.angle_alpha   90.000
_cell.angle_beta   90.000
_cell.angle_gamma   120.000
#
_symmetry.space_group_name_H-M   'P 32'
#
loop_
_entity.id
_entity.type
_entity.pdbx_description
1 polymer 'Oligoribonuclease, mitochondrial'
2 polymer "RNA (5'-R(P*AP*UP*C)-3')"
3 non-polymer 'CALCIUM ION'
4 water water
#
loop_
_entity_poly.entity_id
_entity_poly.type
_entity_poly.pdbx_seq_one_letter_code
_entity_poly.pdbx_strand_id
1 'polypeptide(L)'
;MLGGSLGSRLLRGVGGSHGRFGARGVREGGAAMAAGESMAQRMVWVDLEMTGLDIEKDQIIEMACLITDSDLNILAEGPN
LIIKQPDELLDSMSDWCKEHHGKSGLTKAVKESTITLQQAEYEFLSFVRQQTPPGLCPLAGNSVHEDKKFLDKYMPQFMK
HLHYRIIDVSTVKELCRRWYPEEYEFAPKKAASHRALDDISESIKELQFYRNNIFKKKIDEKKRKIIENGENEKTVS
;
A,B,D,E
2 'polyribonucleotide' CCCGGCUCAUC C,F
#
# COMPACT_ATOMS: atom_id res chain seq x y z
N GLU A 28 -3.90 -29.13 -26.93
CA GLU A 28 -2.54 -29.46 -26.55
C GLU A 28 -2.43 -29.65 -25.04
N GLY A 29 -1.55 -30.57 -24.62
CA GLY A 29 -1.29 -30.73 -23.21
C GLY A 29 -0.48 -29.58 -22.62
N GLY A 30 0.38 -28.95 -23.43
CA GLY A 30 1.22 -27.88 -22.93
C GLY A 30 0.42 -26.71 -22.41
N ALA A 31 -0.80 -26.55 -22.92
CA ALA A 31 -1.69 -25.53 -22.39
C ALA A 31 -2.36 -26.01 -21.11
N ALA A 32 -2.83 -27.26 -21.11
CA ALA A 32 -3.41 -27.84 -19.90
C ALA A 32 -2.36 -27.97 -18.80
N MET A 33 -1.09 -28.17 -19.17
CA MET A 33 -0.02 -28.21 -18.18
C MET A 33 0.15 -26.84 -17.53
N ALA A 34 0.29 -25.79 -18.34
CA ALA A 34 0.40 -24.44 -17.79
C ALA A 34 -0.82 -24.08 -16.97
N ALA A 35 -2.02 -24.48 -17.43
CA ALA A 35 -3.24 -24.20 -16.67
C ALA A 35 -3.31 -25.09 -15.44
N GLY A 36 -2.99 -26.37 -15.58
CA GLY A 36 -3.06 -27.28 -14.44
C GLY A 36 -2.01 -26.97 -13.38
N GLU A 37 -0.77 -26.71 -13.81
CA GLU A 37 0.29 -26.39 -12.86
C GLU A 37 0.07 -25.05 -12.16
N SER A 38 -0.76 -24.19 -12.73
CA SER A 38 -1.07 -22.92 -12.08
C SER A 38 -2.15 -23.08 -11.02
N MET A 39 -3.16 -23.90 -11.29
CA MET A 39 -4.20 -24.15 -10.31
C MET A 39 -3.71 -25.01 -9.15
N ALA A 40 -2.77 -25.93 -9.42
CA ALA A 40 -2.19 -26.73 -8.35
C ALA A 40 -1.38 -25.89 -7.36
N GLN A 41 -1.14 -24.62 -7.66
CA GLN A 41 -0.45 -23.71 -6.75
C GLN A 41 -1.39 -22.77 -6.02
N ARG A 42 -2.69 -22.92 -6.20
CA ARG A 42 -3.66 -22.12 -5.45
C ARG A 42 -3.85 -22.71 -4.05
N MET A 43 -4.44 -21.90 -3.18
CA MET A 43 -4.69 -22.31 -1.80
C MET A 43 -6.17 -22.22 -1.48
N VAL A 44 -6.61 -23.08 -0.56
CA VAL A 44 -7.95 -23.04 0.00
C VAL A 44 -7.85 -22.47 1.41
N TRP A 45 -8.44 -21.31 1.63
CA TRP A 45 -8.34 -20.60 2.90
C TRP A 45 -9.63 -20.80 3.69
N VAL A 46 -9.51 -21.39 4.86
CA VAL A 46 -10.67 -21.68 5.71
C VAL A 46 -10.45 -21.06 7.08
N ASP A 47 -11.56 -20.75 7.75
CA ASP A 47 -11.54 -20.30 9.14
C ASP A 47 -12.74 -20.92 9.84
N LEU A 48 -12.48 -21.66 10.92
CA LEU A 48 -13.50 -22.43 11.59
C LEU A 48 -13.66 -21.96 13.03
N GLU A 49 -14.89 -22.07 13.53
CA GLU A 49 -15.20 -21.88 14.94
C GLU A 49 -15.89 -23.13 15.44
N MET A 50 -15.47 -23.61 16.62
CA MET A 50 -15.95 -24.87 17.16
C MET A 50 -16.36 -24.70 18.62
N THR A 51 -17.09 -25.68 19.12
CA THR A 51 -17.55 -25.66 20.51
C THR A 51 -16.44 -25.94 21.51
N GLY A 52 -15.29 -26.41 21.06
CA GLY A 52 -14.19 -26.68 21.96
C GLY A 52 -13.08 -27.43 21.24
N LEU A 53 -12.11 -27.86 22.04
CA LEU A 53 -10.88 -28.46 21.52
C LEU A 53 -10.89 -29.98 21.51
N ASP A 54 -11.97 -30.61 21.94
CA ASP A 54 -12.04 -32.07 22.07
C ASP A 54 -12.77 -32.62 20.85
N ILE A 55 -12.00 -33.25 19.95
CA ILE A 55 -12.56 -33.66 18.67
C ILE A 55 -13.58 -34.77 18.84
N GLU A 56 -13.48 -35.56 19.91
CA GLU A 56 -14.40 -36.66 20.13
C GLU A 56 -15.76 -36.22 20.65
N LYS A 57 -15.90 -34.96 21.06
CA LYS A 57 -17.17 -34.46 21.55
C LYS A 57 -17.59 -33.15 20.90
N ASP A 58 -16.63 -32.28 20.57
CA ASP A 58 -16.96 -30.97 20.02
C ASP A 58 -17.30 -31.08 18.54
N GLN A 59 -17.98 -30.05 18.04
CA GLN A 59 -18.46 -30.00 16.68
C GLN A 59 -18.09 -28.66 16.04
N ILE A 60 -18.43 -28.51 14.77
CA ILE A 60 -18.17 -27.29 14.02
C ILE A 60 -19.44 -26.46 13.95
N ILE A 61 -19.32 -25.16 14.15
CA ILE A 61 -20.48 -24.28 14.18
C ILE A 61 -20.40 -23.14 13.18
N GLU A 62 -19.21 -22.71 12.75
CA GLU A 62 -19.07 -21.69 11.72
C GLU A 62 -17.86 -22.01 10.86
N MET A 63 -18.03 -21.89 9.54
CA MET A 63 -16.96 -22.18 8.60
C MET A 63 -17.02 -21.19 7.44
N ALA A 64 -15.86 -20.68 7.07
CA ALA A 64 -15.71 -19.84 5.89
C ALA A 64 -14.66 -20.45 4.97
N CYS A 65 -14.77 -20.16 3.68
CA CYS A 65 -13.85 -20.69 2.69
C CYS A 65 -13.55 -19.60 1.67
N LEU A 66 -12.39 -19.73 1.02
CA LEU A 66 -11.91 -18.67 0.13
C LEU A 66 -10.69 -19.18 -0.64
N ILE A 67 -10.56 -18.77 -1.90
CA ILE A 67 -9.49 -19.25 -2.78
C ILE A 67 -8.59 -18.08 -3.15
N THR A 68 -7.27 -18.32 -3.07
CA THR A 68 -6.28 -17.37 -3.56
C THR A 68 -5.27 -18.11 -4.42
N ASP A 69 -4.51 -17.35 -5.20
CA ASP A 69 -3.50 -17.92 -6.08
C ASP A 69 -2.19 -18.07 -5.30
N SER A 70 -1.08 -18.24 -6.00
CA SER A 70 0.22 -18.38 -5.34
C SER A 70 0.70 -17.10 -4.67
N ASP A 71 0.18 -15.94 -5.08
CA ASP A 71 0.58 -14.66 -4.52
C ASP A 71 -0.48 -14.08 -3.58
N LEU A 72 -1.39 -14.92 -3.07
CA LEU A 72 -2.40 -14.52 -2.10
C LEU A 72 -3.30 -13.41 -2.62
N ASN A 73 -3.86 -13.62 -3.80
CA ASN A 73 -4.85 -12.71 -4.38
C ASN A 73 -6.18 -13.44 -4.49
N ILE A 74 -7.24 -12.82 -3.96
CA ILE A 74 -8.54 -13.49 -3.87
C ILE A 74 -9.03 -13.81 -5.28
N LEU A 75 -9.20 -15.10 -5.56
CA LEU A 75 -9.83 -15.53 -6.80
C LEU A 75 -11.31 -15.80 -6.65
N ALA A 76 -11.78 -16.09 -5.43
CA ALA A 76 -13.19 -16.35 -5.19
C ALA A 76 -13.44 -16.21 -3.69
N GLU A 77 -14.70 -15.97 -3.35
CA GLU A 77 -15.15 -15.88 -1.96
C GLU A 77 -16.18 -16.97 -1.72
N GLY A 78 -15.81 -17.98 -0.92
CA GLY A 78 -16.74 -19.01 -0.56
C GLY A 78 -17.80 -18.49 0.39
N PRO A 79 -18.73 -19.37 0.75
CA PRO A 79 -19.79 -18.98 1.68
C PRO A 79 -19.25 -18.82 3.10
N ASN A 80 -20.06 -18.19 3.93
CA ASN A 80 -19.75 -18.00 5.35
C ASN A 80 -20.98 -18.48 6.13
N LEU A 81 -20.93 -19.74 6.57
CA LEU A 81 -22.11 -20.42 7.07
C LEU A 81 -22.06 -20.62 8.58
N ILE A 82 -23.24 -20.75 9.17
CA ILE A 82 -23.42 -21.05 10.58
C ILE A 82 -24.18 -22.37 10.68
N ILE A 83 -23.56 -23.37 11.28
CA ILE A 83 -24.09 -24.73 11.28
C ILE A 83 -24.95 -24.93 12.53
N LYS A 84 -26.14 -25.48 12.33
CA LYS A 84 -27.01 -25.80 13.45
C LYS A 84 -26.43 -26.95 14.28
N GLN A 85 -26.32 -26.72 15.59
CA GLN A 85 -25.87 -27.72 16.54
C GLN A 85 -26.82 -27.73 17.72
N PRO A 86 -27.03 -28.88 18.35
CA PRO A 86 -28.07 -28.98 19.39
C PRO A 86 -27.76 -28.09 20.59
N ASP A 87 -28.82 -27.54 21.18
CA ASP A 87 -28.69 -26.66 22.34
C ASP A 87 -27.94 -27.34 23.48
N GLU A 88 -28.00 -28.68 23.54
CA GLU A 88 -27.36 -29.41 24.62
C GLU A 88 -25.86 -29.13 24.67
N LEU A 89 -25.17 -29.31 23.54
CA LEU A 89 -23.73 -29.11 23.50
C LEU A 89 -23.36 -27.66 23.81
N LEU A 90 -24.10 -26.71 23.23
CA LEU A 90 -23.80 -25.30 23.47
C LEU A 90 -24.01 -24.94 24.94
N ASP A 91 -25.03 -25.52 25.57
CA ASP A 91 -25.23 -25.29 27.00
C ASP A 91 -24.18 -25.99 27.84
N SER A 92 -23.49 -26.99 27.28
CA SER A 92 -22.46 -27.73 27.99
C SER A 92 -21.06 -27.29 27.59
N MET A 93 -20.92 -26.10 27.02
CA MET A 93 -19.61 -25.61 26.58
C MET A 93 -18.83 -25.03 27.76
N SER A 94 -17.52 -24.95 27.58
CA SER A 94 -16.65 -24.42 28.60
C SER A 94 -16.97 -22.96 28.89
N ASP A 95 -16.51 -22.49 30.05
CA ASP A 95 -16.74 -21.10 30.44
C ASP A 95 -16.23 -20.13 29.38
N TRP A 96 -14.94 -20.24 29.03
CA TRP A 96 -14.40 -19.41 27.96
CA TRP A 96 -14.39 -19.41 27.96
C TRP A 96 -15.20 -19.57 26.68
N CYS A 97 -15.46 -20.82 26.27
CA CYS A 97 -16.20 -21.06 25.04
C CYS A 97 -17.61 -20.49 25.12
N LYS A 98 -18.34 -20.82 26.18
CA LYS A 98 -19.70 -20.31 26.33
C LYS A 98 -19.71 -18.79 26.46
N GLU A 99 -18.67 -18.22 27.06
CA GLU A 99 -18.56 -16.76 27.15
C GLU A 99 -18.12 -16.16 25.82
N HIS A 100 -17.12 -16.76 25.18
CA HIS A 100 -16.59 -16.24 23.92
C HIS A 100 -17.68 -16.13 22.87
N HIS A 101 -18.34 -17.25 22.57
CA HIS A 101 -19.36 -17.26 21.53
C HIS A 101 -20.63 -16.53 21.94
N GLY A 102 -20.81 -16.22 23.23
CA GLY A 102 -21.97 -15.47 23.65
C GLY A 102 -21.91 -14.02 23.24
N LYS A 103 -20.79 -13.34 23.56
CA LYS A 103 -20.62 -11.97 23.14
C LYS A 103 -20.55 -11.84 21.62
N SER A 104 -20.02 -12.88 20.95
CA SER A 104 -19.99 -12.89 19.50
C SER A 104 -21.38 -13.00 18.88
N GLY A 105 -22.39 -13.43 19.67
CA GLY A 105 -23.70 -13.68 19.12
C GLY A 105 -23.77 -14.94 18.29
N LEU A 106 -22.63 -15.61 18.10
CA LEU A 106 -22.62 -16.81 17.27
C LEU A 106 -23.45 -17.92 17.89
N THR A 107 -23.43 -18.04 19.23
CA THR A 107 -24.25 -19.04 19.91
C THR A 107 -25.72 -18.88 19.56
N LYS A 108 -26.22 -17.63 19.56
CA LYS A 108 -27.61 -17.39 19.22
C LYS A 108 -27.92 -17.86 17.80
N ALA A 109 -27.03 -17.56 16.85
CA ALA A 109 -27.30 -17.91 15.46
C ALA A 109 -27.31 -19.42 15.24
N VAL A 110 -26.47 -20.15 15.99
CA VAL A 110 -26.38 -21.60 15.81
C VAL A 110 -27.74 -22.25 16.06
N LYS A 111 -28.42 -21.82 17.13
CA LYS A 111 -29.71 -22.42 17.47
C LYS A 111 -30.74 -22.20 16.37
N GLU A 112 -30.84 -20.97 15.87
CA GLU A 112 -31.79 -20.63 14.82
C GLU A 112 -31.29 -20.99 13.42
N SER A 113 -30.18 -21.71 13.31
CA SER A 113 -29.65 -22.07 12.01
C SER A 113 -30.39 -23.27 11.43
N THR A 114 -30.37 -23.36 10.10
CA THR A 114 -31.03 -24.45 9.38
C THR A 114 -30.08 -25.10 8.38
N ILE A 115 -28.78 -25.10 8.68
CA ILE A 115 -27.76 -25.59 7.77
C ILE A 115 -27.19 -26.87 8.33
N THR A 116 -27.50 -28.00 7.70
CA THR A 116 -26.92 -29.27 8.08
C THR A 116 -25.42 -29.26 7.79
N LEU A 117 -24.68 -30.11 8.53
CA LEU A 117 -23.24 -30.21 8.32
C LEU A 117 -22.91 -30.59 6.89
N GLN A 118 -23.49 -31.69 6.40
CA GLN A 118 -23.23 -32.13 5.04
C GLN A 118 -23.83 -31.15 4.03
N GLN A 119 -24.98 -30.57 4.36
CA GLN A 119 -25.52 -29.49 3.55
C GLN A 119 -24.53 -28.33 3.47
N ALA A 120 -23.83 -28.05 4.56
CA ALA A 120 -22.76 -27.07 4.53
C ALA A 120 -21.49 -27.66 3.93
N GLU A 121 -21.18 -28.92 4.25
CA GLU A 121 -20.01 -29.57 3.67
C GLU A 121 -20.08 -29.59 2.16
N TYR A 122 -21.24 -29.95 1.60
CA TYR A 122 -21.37 -29.98 0.15
C TYR A 122 -21.29 -28.59 -0.45
N GLU A 123 -21.91 -27.60 0.19
CA GLU A 123 -21.89 -26.23 -0.32
C GLU A 123 -20.45 -25.75 -0.52
N PHE A 124 -19.55 -26.12 0.39
CA PHE A 124 -18.14 -25.80 0.21
C PHE A 124 -17.52 -26.67 -0.86
N LEU A 125 -17.83 -27.98 -0.85
CA LEU A 125 -17.20 -28.91 -1.78
C LEU A 125 -17.48 -28.51 -3.23
N SER A 126 -18.71 -28.08 -3.52
CA SER A 126 -19.00 -27.59 -4.86
C SER A 126 -18.22 -26.32 -5.16
N PHE A 127 -18.11 -25.41 -4.20
CA PHE A 127 -17.35 -24.19 -4.40
C PHE A 127 -15.89 -24.47 -4.68
N VAL A 128 -15.27 -25.35 -3.88
CA VAL A 128 -13.85 -25.63 -4.08
C VAL A 128 -13.63 -26.48 -5.33
N ARG A 129 -14.63 -27.26 -5.74
CA ARG A 129 -14.46 -28.08 -6.94
C ARG A 129 -14.47 -27.23 -8.21
N GLN A 130 -15.28 -26.18 -8.24
CA GLN A 130 -15.31 -25.28 -9.38
C GLN A 130 -14.16 -24.28 -9.38
N GLN A 131 -13.21 -24.41 -8.45
CA GLN A 131 -12.08 -23.49 -8.35
C GLN A 131 -10.73 -24.16 -8.16
N THR A 132 -10.67 -25.45 -7.85
CA THR A 132 -9.41 -26.13 -7.59
C THR A 132 -9.40 -27.50 -8.25
N PRO A 133 -8.23 -28.00 -8.62
CA PRO A 133 -8.13 -29.40 -9.05
C PRO A 133 -8.20 -30.32 -7.86
N PRO A 134 -8.85 -31.47 -8.01
CA PRO A 134 -9.04 -32.37 -6.85
C PRO A 134 -7.75 -33.04 -6.43
N GLY A 135 -7.40 -32.90 -5.15
CA GLY A 135 -6.27 -33.57 -4.58
C GLY A 135 -4.93 -32.89 -4.72
N LEU A 136 -4.90 -31.67 -5.28
CA LEU A 136 -3.65 -30.98 -5.52
C LEU A 136 -3.49 -29.69 -4.72
N CYS A 137 -4.59 -29.01 -4.38
CA CYS A 137 -4.47 -27.75 -3.64
C CYS A 137 -4.33 -28.01 -2.15
N PRO A 138 -3.49 -27.25 -1.45
CA PRO A 138 -3.34 -27.44 -0.01
C PRO A 138 -4.26 -26.54 0.81
N LEU A 139 -4.49 -26.95 2.05
CA LEU A 139 -5.29 -26.16 2.98
C LEU A 139 -4.47 -24.99 3.51
N ALA A 140 -5.04 -23.80 3.46
CA ALA A 140 -4.36 -22.60 3.94
C ALA A 140 -5.14 -21.98 5.09
N GLY A 141 -4.44 -21.16 5.88
CA GLY A 141 -5.05 -20.50 7.01
C GLY A 141 -4.16 -20.48 8.23
N ASN A 142 -4.61 -19.78 9.28
CA ASN A 142 -3.84 -19.60 10.50
C ASN A 142 -4.17 -20.71 11.48
N SER A 143 -3.15 -21.46 11.91
CA SER A 143 -3.31 -22.55 12.87
C SER A 143 -4.34 -23.58 12.39
N VAL A 144 -4.15 -24.04 11.14
CA VAL A 144 -5.14 -24.90 10.50
C VAL A 144 -4.91 -26.38 10.76
N HIS A 145 -3.85 -26.75 11.49
CA HIS A 145 -3.67 -28.14 11.85
C HIS A 145 -4.82 -28.65 12.71
N GLU A 146 -5.57 -27.75 13.35
CA GLU A 146 -6.80 -28.11 14.06
C GLU A 146 -8.00 -28.11 13.13
N ASP A 147 -8.07 -27.15 12.20
CA ASP A 147 -9.18 -27.11 11.25
C ASP A 147 -9.20 -28.37 10.40
N LYS A 148 -8.04 -28.75 9.85
CA LYS A 148 -7.97 -30.02 9.12
C LYS A 148 -8.32 -31.19 10.03
N LYS A 149 -7.87 -31.16 11.29
CA LYS A 149 -8.18 -32.23 12.23
C LYS A 149 -9.69 -32.41 12.37
N PHE A 150 -10.44 -31.31 12.33
CA PHE A 150 -11.89 -31.41 12.41
C PHE A 150 -12.50 -31.74 11.04
N LEU A 151 -12.03 -31.05 9.98
CA LEU A 151 -12.52 -31.34 8.64
C LEU A 151 -12.23 -32.77 8.22
N ASP A 152 -11.09 -33.32 8.66
CA ASP A 152 -10.82 -34.73 8.37
C ASP A 152 -11.87 -35.64 8.97
N LYS A 153 -12.38 -35.27 10.16
CA LYS A 153 -13.36 -36.11 10.84
C LYS A 153 -14.78 -35.79 10.39
N TYR A 154 -15.11 -34.51 10.27
CA TYR A 154 -16.49 -34.10 10.06
C TYR A 154 -16.83 -33.77 8.61
N MET A 155 -15.87 -33.30 7.83
CA MET A 155 -16.08 -33.01 6.41
C MET A 155 -15.10 -33.82 5.57
N PRO A 156 -15.25 -35.14 5.54
CA PRO A 156 -14.22 -35.96 4.88
C PRO A 156 -14.25 -35.83 3.36
N GLN A 157 -15.43 -35.78 2.76
CA GLN A 157 -15.53 -35.58 1.32
C GLN A 157 -14.86 -34.27 0.90
N PHE A 158 -15.00 -33.23 1.74
CA PHE A 158 -14.30 -31.97 1.50
C PHE A 158 -12.79 -32.18 1.47
N MET A 159 -12.25 -32.84 2.50
CA MET A 159 -10.80 -33.02 2.59
C MET A 159 -10.28 -33.96 1.51
N LYS A 160 -11.13 -34.86 1.00
CA LYS A 160 -10.72 -35.74 -0.07
C LYS A 160 -10.39 -34.98 -1.34
N HIS A 161 -10.91 -33.75 -1.49
CA HIS A 161 -10.58 -32.90 -2.62
C HIS A 161 -9.24 -32.20 -2.47
N LEU A 162 -8.71 -32.09 -1.26
CA LEU A 162 -7.56 -31.24 -0.99
C LEU A 162 -6.32 -32.07 -0.74
N HIS A 163 -5.16 -31.45 -0.98
CA HIS A 163 -3.89 -32.06 -0.62
C HIS A 163 -3.79 -32.28 0.88
N TYR A 164 -3.00 -33.26 1.28
CA TYR A 164 -2.83 -33.55 2.71
C TYR A 164 -1.99 -32.49 3.42
N ARG A 165 -1.25 -31.68 2.67
CA ARG A 165 -0.40 -30.65 3.26
C ARG A 165 -1.20 -29.38 3.53
N ILE A 166 -0.68 -28.57 4.44
CA ILE A 166 -1.31 -27.33 4.85
C ILE A 166 -0.30 -26.19 4.76
N ILE A 167 -0.83 -24.97 4.63
CA ILE A 167 -0.04 -23.75 4.64
C ILE A 167 -0.44 -23.01 5.92
N ASP A 168 0.40 -23.13 6.95
CA ASP A 168 0.09 -22.62 8.27
C ASP A 168 0.68 -21.22 8.42
N VAL A 169 -0.19 -20.22 8.54
CA VAL A 169 0.28 -18.86 8.76
C VAL A 169 0.96 -18.71 10.12
N SER A 170 0.67 -19.60 11.06
CA SER A 170 1.31 -19.54 12.36
C SER A 170 2.71 -20.14 12.35
N THR A 171 2.95 -21.10 11.45
CA THR A 171 4.29 -21.70 11.35
C THR A 171 5.33 -20.64 11.04
N VAL A 172 4.99 -19.67 10.19
CA VAL A 172 5.92 -18.58 9.90
C VAL A 172 5.86 -17.52 11.00
N LYS A 173 4.75 -17.43 11.74
CA LYS A 173 4.70 -16.54 12.89
C LYS A 173 5.70 -16.96 13.95
N GLU A 174 5.80 -18.26 14.20
CA GLU A 174 6.81 -18.77 15.13
C GLU A 174 8.21 -18.53 14.61
N LEU A 175 8.46 -18.88 13.35
CA LEU A 175 9.79 -18.69 12.78
C LEU A 175 10.15 -17.22 12.69
N CYS A 176 9.15 -16.33 12.61
CA CYS A 176 9.42 -14.91 12.74
C CYS A 176 9.74 -14.54 14.18
N ARG A 177 9.02 -15.11 15.13
CA ARG A 177 9.22 -14.79 16.54
C ARG A 177 10.65 -15.07 16.98
N ARG A 178 11.22 -16.20 16.56
CA ARG A 178 12.56 -16.56 17.00
C ARG A 178 13.64 -15.92 16.14
N TRP A 179 13.44 -15.90 14.82
CA TRP A 179 14.49 -15.45 13.90
C TRP A 179 14.45 -13.94 13.66
N TYR A 180 13.26 -13.34 13.64
CA TYR A 180 13.10 -11.92 13.34
C TYR A 180 12.25 -11.28 14.44
N PRO A 181 12.79 -11.16 15.65
CA PRO A 181 11.99 -10.55 16.73
C PRO A 181 11.79 -9.07 16.56
N GLU A 182 12.73 -8.37 15.92
CA GLU A 182 12.60 -6.94 15.67
C GLU A 182 11.34 -6.66 14.87
N GLU A 183 11.22 -7.28 13.69
CA GLU A 183 10.08 -7.05 12.81
C GLU A 183 8.79 -7.69 13.31
N TYR A 184 8.86 -8.57 14.32
CA TYR A 184 7.63 -9.11 14.90
C TYR A 184 6.81 -8.02 15.55
N GLU A 185 7.48 -7.03 16.16
CA GLU A 185 6.76 -5.96 16.85
C GLU A 185 5.85 -5.18 15.90
N PHE A 186 6.20 -5.16 14.61
CA PHE A 186 5.43 -4.43 13.61
C PHE A 186 4.35 -5.28 12.96
N ALA A 187 4.15 -6.51 13.42
CA ALA A 187 3.08 -7.34 12.88
C ALA A 187 1.72 -6.66 13.11
N PRO A 188 0.77 -6.87 12.21
CA PRO A 188 -0.54 -6.21 12.35
C PRO A 188 -1.25 -6.67 13.61
N LYS A 189 -2.27 -5.90 13.99
CA LYS A 189 -3.06 -6.17 15.18
C LYS A 189 -4.42 -6.74 14.78
N LYS A 190 -5.03 -7.45 15.72
CA LYS A 190 -6.29 -8.12 15.46
C LYS A 190 -7.39 -7.11 15.17
N ALA A 191 -8.49 -7.61 14.61
CA ALA A 191 -9.63 -6.77 14.27
C ALA A 191 -10.92 -7.59 14.32
N SER A 193 -12.69 -10.79 13.38
CA SER A 193 -13.66 -9.71 13.57
C SER A 193 -15.08 -10.25 13.66
N HIS A 194 -15.90 -9.90 12.67
CA HIS A 194 -17.32 -10.23 12.69
C HIS A 194 -17.63 -11.61 12.12
N ARG A 195 -16.88 -12.04 11.11
CA ARG A 195 -17.14 -13.32 10.47
C ARG A 195 -15.82 -14.04 10.22
N ALA A 196 -15.89 -15.37 10.16
CA ALA A 196 -14.70 -16.16 9.87
C ALA A 196 -14.08 -15.77 8.54
N LEU A 197 -14.91 -15.32 7.58
CA LEU A 197 -14.40 -14.83 6.31
C LEU A 197 -13.44 -13.66 6.52
N ASP A 198 -13.71 -12.82 7.52
CA ASP A 198 -12.81 -11.71 7.81
C ASP A 198 -11.54 -12.19 8.50
N ASP A 199 -11.67 -13.16 9.40
CA ASP A 199 -10.48 -13.74 10.02
C ASP A 199 -9.55 -14.37 8.99
N ILE A 200 -10.12 -14.82 7.86
CA ILE A 200 -9.28 -15.24 6.73
C ILE A 200 -8.49 -14.05 6.19
N SER A 201 -9.19 -12.96 5.88
CA SER A 201 -8.54 -11.80 5.28
C SER A 201 -7.43 -11.26 6.16
N GLU A 202 -7.64 -11.28 7.48
CA GLU A 202 -6.58 -10.87 8.40
C GLU A 202 -5.41 -11.85 8.36
N SER A 203 -5.70 -13.15 8.22
CA SER A 203 -4.64 -14.15 8.18
C SER A 203 -3.77 -14.01 6.95
N ILE A 204 -4.36 -13.60 5.82
CA ILE A 204 -3.54 -13.29 4.65
C ILE A 204 -2.73 -12.02 4.89
N LYS A 205 -3.39 -10.98 5.41
CA LYS A 205 -2.68 -9.77 5.82
C LYS A 205 -1.54 -10.09 6.78
N GLU A 206 -1.77 -11.05 7.68
CA GLU A 206 -0.70 -11.52 8.55
C GLU A 206 0.42 -12.15 7.73
N LEU A 207 0.07 -13.12 6.88
CA LEU A 207 1.09 -13.78 6.06
C LEU A 207 1.73 -12.81 5.08
N GLN A 208 0.95 -11.91 4.48
CA GLN A 208 1.50 -10.94 3.55
C GLN A 208 2.53 -10.05 4.23
N PHE A 209 2.33 -9.74 5.52
CA PHE A 209 3.34 -8.99 6.25
C PHE A 209 4.65 -9.76 6.35
N TYR A 210 4.57 -11.09 6.50
CA TYR A 210 5.80 -11.88 6.61
C TYR A 210 6.58 -11.86 5.30
N ARG A 211 5.89 -11.95 4.16
CA ARG A 211 6.60 -11.94 2.88
C ARG A 211 7.29 -10.60 2.64
N ASN A 212 6.66 -9.50 3.06
CA ASN A 212 7.25 -8.19 2.81
C ASN A 212 8.50 -7.94 3.65
N ASN A 213 8.60 -8.59 4.81
CA ASN A 213 9.56 -8.16 5.82
C ASN A 213 10.60 -9.20 6.21
N ILE A 214 10.30 -10.50 6.17
CA ILE A 214 11.24 -11.50 6.64
C ILE A 214 11.77 -12.41 5.53
N PHE A 215 11.07 -12.56 4.42
CA PHE A 215 11.58 -13.34 3.31
C PHE A 215 12.55 -12.52 2.47
N LYS A 216 13.29 -13.20 1.61
CA LYS A 216 14.24 -12.51 0.74
C LYS A 216 13.50 -11.54 -0.17
N LYS A 217 13.99 -10.31 -0.23
CA LYS A 217 13.36 -9.29 -1.03
C LYS A 217 13.61 -9.56 -2.52
N LYS A 218 12.54 -9.57 -3.31
CA LYS A 218 12.63 -9.69 -4.75
C LYS A 218 12.56 -8.37 -5.47
N ILE A 219 12.18 -7.29 -4.78
CA ILE A 219 11.87 -6.01 -5.41
C ILE A 219 12.41 -4.89 -4.54
N ASP A 220 13.33 -4.10 -5.10
CA ASP A 220 13.77 -2.88 -4.44
C ASP A 220 12.80 -1.74 -4.73
N GLU A 221 12.83 -0.74 -3.85
CA GLU A 221 11.96 0.42 -4.03
C GLU A 221 12.73 1.71 -3.78
N ARG A 224 14.73 1.77 -7.47
CA ARG A 224 13.44 1.20 -7.84
C ARG A 224 13.61 -0.01 -8.75
N LYS A 225 14.69 -0.75 -8.54
CA LYS A 225 14.98 -1.92 -9.36
C LYS A 225 14.41 -3.18 -8.72
N ILE A 226 14.60 -4.31 -9.40
CA ILE A 226 14.38 -5.61 -8.81
C ILE A 226 15.72 -6.15 -8.35
N ILE A 227 15.69 -7.27 -7.64
CA ILE A 227 16.88 -7.82 -7.02
C ILE A 227 17.38 -9.02 -7.82
N GLU A 228 18.67 -9.27 -7.72
CA GLU A 228 19.34 -10.40 -8.37
C GLU A 228 18.71 -11.73 -7.99
N GLY B 30 15.87 -9.94 35.17
CA GLY B 30 15.77 -9.57 33.77
C GLY B 30 16.55 -10.49 32.85
N ALA B 31 17.82 -10.73 33.19
CA ALA B 31 18.66 -11.62 32.40
C ALA B 31 18.11 -13.04 32.38
N ALA B 32 17.50 -13.48 33.49
CA ALA B 32 16.87 -14.80 33.50
C ALA B 32 15.66 -14.84 32.58
N MET B 33 14.90 -13.74 32.51
CA MET B 33 13.76 -13.69 31.62
C MET B 33 14.18 -13.74 30.16
N ALA B 34 15.39 -13.29 29.85
CA ALA B 34 15.92 -13.46 28.50
C ALA B 34 16.27 -14.92 28.24
N ALA B 35 16.93 -15.57 29.20
CA ALA B 35 17.20 -17.00 29.07
C ALA B 35 15.91 -17.81 29.17
N GLY B 36 14.93 -17.35 29.96
CA GLY B 36 13.64 -18.00 29.97
C GLY B 36 12.96 -17.93 28.63
N GLU B 37 13.06 -16.77 27.96
CA GLU B 37 12.59 -16.67 26.58
C GLU B 37 13.42 -17.56 25.66
N SER B 38 14.73 -17.62 25.89
CA SER B 38 15.60 -18.47 25.07
C SER B 38 15.19 -19.93 25.15
N MET B 39 14.62 -20.34 26.29
CA MET B 39 14.15 -21.71 26.42
C MET B 39 12.73 -21.88 25.90
N ALA B 40 11.92 -20.82 25.98
CA ALA B 40 10.56 -20.87 25.46
C ALA B 40 10.52 -20.97 23.94
N GLN B 41 11.65 -20.80 23.26
CA GLN B 41 11.71 -20.85 21.80
C GLN B 41 12.43 -22.10 21.30
N ARG B 42 12.72 -23.05 22.18
CA ARG B 42 13.19 -24.36 21.74
C ARG B 42 12.05 -25.09 21.05
N MET B 43 12.41 -25.95 20.10
CA MET B 43 11.43 -26.75 19.38
C MET B 43 11.54 -28.21 19.77
N VAL B 44 10.45 -28.93 19.55
CA VAL B 44 10.36 -30.37 19.82
C VAL B 44 10.07 -31.05 18.49
N TRP B 45 11.04 -31.80 17.98
CA TRP B 45 10.93 -32.46 16.68
C TRP B 45 10.58 -33.93 16.86
N VAL B 46 9.66 -34.41 16.02
CA VAL B 46 9.24 -35.81 16.01
C VAL B 46 9.04 -36.25 14.57
N ASP B 47 8.94 -37.57 14.39
CA ASP B 47 8.37 -38.15 13.18
C ASP B 47 7.92 -39.57 13.52
N LEU B 48 6.72 -39.91 13.06
CA LEU B 48 6.10 -41.19 13.37
C LEU B 48 5.94 -42.02 12.10
N GLU B 49 5.55 -43.28 12.30
CA GLU B 49 5.23 -44.18 11.20
C GLU B 49 4.02 -45.01 11.61
N MET B 50 2.89 -44.77 10.96
CA MET B 50 1.67 -45.52 11.27
C MET B 50 1.53 -46.70 10.33
N THR B 51 0.58 -47.58 10.65
CA THR B 51 0.13 -48.59 9.69
C THR B 51 -0.80 -48.00 8.64
N GLY B 52 -1.16 -46.73 8.78
CA GLY B 52 -2.09 -46.09 7.88
C GLY B 52 -2.57 -44.79 8.47
N LEU B 53 -3.27 -44.02 7.64
CA LEU B 53 -3.74 -42.70 8.02
C LEU B 53 -5.20 -42.70 8.47
N ASP B 54 -5.80 -43.88 8.63
CA ASP B 54 -7.15 -43.98 9.20
C ASP B 54 -7.02 -43.88 10.71
N ILE B 55 -6.97 -42.63 11.19
CA ILE B 55 -6.66 -42.35 12.60
C ILE B 55 -7.61 -43.11 13.52
N GLU B 56 -8.89 -43.21 13.14
CA GLU B 56 -9.85 -43.92 13.96
C GLU B 56 -9.56 -45.41 14.06
N LYS B 57 -8.75 -45.95 13.15
CA LYS B 57 -8.47 -47.38 13.13
C LYS B 57 -6.98 -47.70 12.98
N ASP B 58 -6.11 -46.70 13.05
CA ASP B 58 -4.67 -46.90 12.90
C ASP B 58 -3.94 -46.48 14.16
N GLN B 59 -2.78 -47.09 14.38
CA GLN B 59 -1.98 -46.86 15.58
C GLN B 59 -0.55 -46.50 15.20
N ILE B 60 0.19 -45.97 16.17
CA ILE B 60 1.58 -45.59 15.97
C ILE B 60 2.45 -46.84 16.05
N ILE B 61 3.55 -46.83 15.30
CA ILE B 61 4.38 -48.03 15.18
C ILE B 61 5.86 -47.72 15.42
N GLU B 62 6.30 -46.52 15.02
CA GLU B 62 7.67 -46.10 15.29
C GLU B 62 7.66 -44.61 15.63
N MET B 63 8.56 -44.20 16.52
CA MET B 63 8.64 -42.81 16.94
C MET B 63 10.05 -42.49 17.40
N ALA B 64 10.52 -41.30 17.03
CA ALA B 64 11.73 -40.71 17.59
C ALA B 64 11.44 -39.26 17.95
N CYS B 65 12.32 -38.68 18.77
CA CYS B 65 12.14 -37.31 19.20
C CYS B 65 13.50 -36.63 19.31
N LEU B 66 13.48 -35.30 19.33
CA LEU B 66 14.70 -34.52 19.28
C LEU B 66 14.38 -33.07 19.62
N ILE B 67 15.36 -32.36 20.18
CA ILE B 67 15.21 -30.98 20.62
C ILE B 67 16.23 -30.11 19.90
N THR B 68 15.80 -28.90 19.53
CA THR B 68 16.70 -27.88 19.02
C THR B 68 16.47 -26.58 19.79
N ASP B 69 17.43 -25.68 19.70
CA ASP B 69 17.22 -24.32 20.17
C ASP B 69 16.43 -23.56 19.09
N SER B 70 16.33 -22.25 19.21
CA SER B 70 15.55 -21.48 18.25
C SER B 70 16.18 -21.51 16.86
N ASP B 71 17.51 -21.43 16.79
CA ASP B 71 18.22 -21.40 15.52
C ASP B 71 18.62 -22.78 15.02
N LEU B 72 17.80 -23.80 15.28
CA LEU B 72 17.87 -25.13 14.68
C LEU B 72 19.08 -25.94 15.11
N ASN B 73 19.85 -25.49 16.09
CA ASN B 73 20.96 -26.29 16.61
C ASN B 73 20.42 -27.36 17.55
N ILE B 74 20.75 -28.62 17.27
CA ILE B 74 20.27 -29.72 18.10
C ILE B 74 20.89 -29.60 19.49
N LEU B 75 20.07 -29.79 20.51
CA LEU B 75 20.52 -29.76 21.89
C LEU B 75 20.54 -31.13 22.55
N ALA B 76 19.57 -31.98 22.24
CA ALA B 76 19.53 -33.35 22.77
C ALA B 76 18.69 -34.21 21.84
N GLU B 77 19.16 -35.42 21.58
CA GLU B 77 18.43 -36.39 20.78
C GLU B 77 17.68 -37.35 21.69
N GLY B 78 16.37 -37.45 21.50
CA GLY B 78 15.56 -38.38 22.25
C GLY B 78 15.78 -39.80 21.77
N PRO B 79 14.97 -40.73 22.26
CA PRO B 79 15.10 -42.13 21.86
C PRO B 79 14.48 -42.36 20.48
N ASN B 80 14.56 -43.61 20.03
CA ASN B 80 13.97 -44.04 18.78
C ASN B 80 13.38 -45.42 19.05
N LEU B 81 12.05 -45.49 19.19
CA LEU B 81 11.39 -46.68 19.70
C LEU B 81 10.42 -47.24 18.66
N ILE B 82 10.23 -48.55 18.72
CA ILE B 82 9.34 -49.28 17.83
C ILE B 82 8.25 -49.91 18.70
N ILE B 83 7.00 -49.52 18.45
CA ILE B 83 5.88 -49.87 19.32
C ILE B 83 5.24 -51.16 18.82
N LYS B 84 5.17 -52.16 19.69
CA LYS B 84 4.46 -53.40 19.37
C LYS B 84 2.98 -53.12 19.22
N GLN B 85 2.39 -53.64 18.14
CA GLN B 85 0.98 -53.46 17.86
C GLN B 85 0.36 -54.80 17.49
N PRO B 86 -0.93 -55.00 17.75
CA PRO B 86 -1.54 -56.31 17.50
C PRO B 86 -1.38 -56.76 16.06
N ASP B 87 -1.22 -58.08 15.90
CA ASP B 87 -0.69 -58.62 14.64
C ASP B 87 -1.69 -58.54 13.50
N GLU B 88 -2.99 -58.63 13.79
CA GLU B 88 -3.98 -58.64 12.72
C GLU B 88 -3.97 -57.34 11.94
N LEU B 89 -3.65 -56.23 12.59
CA LEU B 89 -3.63 -54.94 11.91
C LEU B 89 -2.45 -54.81 10.96
N LEU B 90 -1.31 -55.44 11.29
CA LEU B 90 -0.12 -55.32 10.45
C LEU B 90 -0.33 -55.96 9.09
N ASP B 91 -1.13 -57.03 9.01
CA ASP B 91 -1.51 -57.60 7.73
C ASP B 91 -2.83 -57.05 7.22
N SER B 92 -3.37 -56.01 7.87
CA SER B 92 -4.55 -55.31 7.42
C SER B 92 -4.25 -53.88 7.00
N MET B 93 -2.97 -53.49 6.98
CA MET B 93 -2.57 -52.18 6.49
C MET B 93 -2.35 -52.23 4.98
N SER B 94 -2.36 -51.05 4.37
CA SER B 94 -2.39 -50.95 2.92
C SER B 94 -1.14 -51.58 2.30
N ASP B 95 -1.27 -51.95 1.02
CA ASP B 95 -0.14 -52.51 0.28
C ASP B 95 1.04 -51.56 0.25
N TRP B 96 0.78 -50.25 0.23
CA TRP B 96 1.85 -49.27 0.44
C TRP B 96 2.49 -49.50 1.79
N CYS B 97 1.69 -49.48 2.86
CA CYS B 97 2.22 -49.70 4.20
C CYS B 97 2.78 -51.11 4.36
N LYS B 98 2.23 -52.08 3.63
CA LYS B 98 2.73 -53.45 3.71
C LYS B 98 4.09 -53.58 3.05
N GLU B 99 4.20 -53.15 1.78
CA GLU B 99 5.44 -53.33 1.05
C GLU B 99 6.53 -52.38 1.52
N HIS B 100 6.18 -51.13 1.79
CA HIS B 100 7.19 -50.15 2.20
C HIS B 100 7.79 -50.51 3.56
N HIS B 101 6.93 -50.63 4.59
CA HIS B 101 7.43 -51.06 5.89
C HIS B 101 7.96 -52.48 5.84
N GLY B 102 7.47 -53.29 4.90
CA GLY B 102 8.07 -54.59 4.66
C GLY B 102 9.49 -54.48 4.14
N LYS B 103 9.73 -53.50 3.26
CA LYS B 103 11.06 -53.24 2.74
C LYS B 103 11.96 -52.48 3.72
N SER B 104 11.36 -51.70 4.63
CA SER B 104 12.12 -51.02 5.67
C SER B 104 12.65 -51.95 6.74
N GLY B 105 12.12 -53.17 6.84
CA GLY B 105 12.57 -54.11 7.85
C GLY B 105 11.86 -53.76 9.14
N LEU B 106 11.03 -52.73 9.04
CA LEU B 106 10.37 -52.18 10.22
C LEU B 106 9.30 -53.13 10.73
N THR B 107 8.46 -53.65 9.82
CA THR B 107 7.38 -54.54 10.24
C THR B 107 7.92 -55.80 10.92
N LYS B 108 9.13 -56.23 10.56
CA LYS B 108 9.75 -57.34 11.27
C LYS B 108 10.11 -56.95 12.69
N ALA B 109 10.63 -55.74 12.88
CA ALA B 109 10.99 -55.28 14.22
C ALA B 109 9.78 -55.04 15.10
N VAL B 110 8.59 -54.88 14.52
CA VAL B 110 7.38 -54.67 15.31
C VAL B 110 7.09 -55.92 16.16
N LYS B 111 7.08 -57.08 15.53
CA LYS B 111 6.85 -58.32 16.27
C LYS B 111 7.97 -58.58 17.28
N GLU B 112 9.21 -58.27 16.90
CA GLU B 112 10.36 -58.45 17.76
C GLU B 112 10.59 -57.25 18.68
N SER B 113 9.63 -56.36 18.81
CA SER B 113 9.68 -55.26 19.77
C SER B 113 8.94 -55.64 21.04
N THR B 114 9.43 -55.15 22.16
CA THR B 114 8.81 -55.39 23.46
C THR B 114 8.30 -54.11 24.11
N ILE B 115 8.28 -53.00 23.38
CA ILE B 115 7.86 -51.70 23.90
C ILE B 115 6.41 -51.47 23.51
N THR B 116 5.57 -51.23 24.50
CA THR B 116 4.18 -50.88 24.25
C THR B 116 4.03 -49.37 24.16
N LEU B 117 2.81 -48.93 23.82
CA LEU B 117 2.55 -47.50 23.69
C LEU B 117 2.72 -46.78 25.02
N GLN B 118 2.26 -47.40 26.11
CA GLN B 118 2.21 -46.71 27.39
C GLN B 118 3.61 -46.46 27.95
N GLN B 119 4.51 -47.44 27.83
CA GLN B 119 5.88 -47.19 28.28
C GLN B 119 6.61 -46.25 27.32
N ALA B 120 6.36 -46.38 26.01
CA ALA B 120 7.00 -45.51 25.04
C ALA B 120 6.64 -44.04 25.30
N GLU B 121 5.37 -43.77 25.58
CA GLU B 121 4.96 -42.40 25.86
C GLU B 121 5.71 -41.84 27.06
N TYR B 122 5.87 -42.65 28.11
CA TYR B 122 6.59 -42.19 29.30
C TYR B 122 8.03 -41.82 28.96
N GLU B 123 8.72 -42.68 28.21
CA GLU B 123 10.11 -42.42 27.85
C GLU B 123 10.23 -41.09 27.10
N PHE B 124 9.31 -40.82 26.17
CA PHE B 124 9.33 -39.55 25.46
C PHE B 124 8.89 -38.41 26.36
N LEU B 125 7.90 -38.65 27.23
CA LEU B 125 7.48 -37.62 28.17
C LEU B 125 8.59 -37.32 29.18
N SER B 126 9.32 -38.35 29.62
CA SER B 126 10.43 -38.13 30.54
C SER B 126 11.51 -37.29 29.89
N PHE B 127 11.92 -37.67 28.67
CA PHE B 127 12.99 -36.97 27.95
C PHE B 127 12.74 -35.47 27.86
N VAL B 128 11.59 -35.09 27.28
CA VAL B 128 11.39 -33.70 26.92
C VAL B 128 11.21 -32.81 28.15
N ARG B 129 10.66 -33.37 29.24
CA ARG B 129 10.31 -32.56 30.40
C ARG B 129 11.51 -31.86 31.01
N GLN B 130 12.70 -32.45 30.87
CA GLN B 130 13.91 -31.87 31.44
C GLN B 130 14.60 -30.90 30.49
N GLN B 131 14.16 -30.82 29.23
CA GLN B 131 14.78 -29.95 28.24
C GLN B 131 13.95 -28.73 27.89
N THR B 132 12.62 -28.84 27.92
CA THR B 132 11.77 -27.75 27.48
C THR B 132 10.84 -27.29 28.59
N PRO B 133 10.53 -26.00 28.65
CA PRO B 133 9.50 -25.54 29.58
C PRO B 133 8.17 -26.15 29.25
N PRO B 134 7.31 -26.35 30.24
CA PRO B 134 6.05 -27.08 30.02
C PRO B 134 5.06 -26.24 29.20
N GLY B 135 4.71 -26.75 28.02
CA GLY B 135 3.66 -26.16 27.22
C GLY B 135 4.04 -24.89 26.47
N LEU B 136 5.33 -24.54 26.44
CA LEU B 136 5.77 -23.35 25.72
C LEU B 136 6.50 -23.66 24.42
N CYS B 137 6.63 -24.94 24.07
CA CYS B 137 7.41 -25.35 22.91
C CYS B 137 6.55 -26.09 21.91
N PRO B 138 6.74 -25.82 20.60
CA PRO B 138 5.86 -26.41 19.59
C PRO B 138 6.44 -27.66 18.93
N LEU B 139 5.57 -28.50 18.37
CA LEU B 139 6.00 -29.61 17.56
C LEU B 139 6.52 -29.12 16.21
N ALA B 140 7.54 -29.80 15.70
CA ALA B 140 8.17 -29.39 14.45
C ALA B 140 8.52 -30.62 13.62
N GLY B 141 8.50 -30.45 12.31
CA GLY B 141 8.84 -31.52 11.40
C GLY B 141 8.09 -31.36 10.09
N ASN B 142 8.07 -32.44 9.31
CA ASN B 142 7.47 -32.46 7.99
C ASN B 142 6.04 -32.99 8.10
N SER B 143 5.07 -32.09 7.90
CA SER B 143 3.64 -32.42 8.01
C SER B 143 3.32 -32.98 9.39
N VAL B 144 3.79 -32.28 10.44
CA VAL B 144 3.56 -32.72 11.80
C VAL B 144 2.10 -32.61 12.19
N HIS B 145 1.31 -31.82 11.46
CA HIS B 145 -0.14 -31.78 11.70
C HIS B 145 -0.75 -33.18 11.65
N GLU B 146 -0.15 -34.09 10.88
CA GLU B 146 -0.57 -35.48 10.86
C GLU B 146 0.12 -36.29 11.96
N ASP B 147 1.37 -35.95 12.31
CA ASP B 147 1.99 -36.57 13.46
C ASP B 147 1.31 -36.17 14.76
N LYS B 148 0.81 -34.93 14.83
CA LYS B 148 0.13 -34.46 16.04
C LYS B 148 -1.23 -35.12 16.20
N LYS B 149 -1.91 -35.40 15.08
CA LYS B 149 -3.22 -36.04 15.14
C LYS B 149 -3.17 -37.34 15.90
N PHE B 150 -2.12 -38.14 15.68
CA PHE B 150 -1.97 -39.39 16.41
C PHE B 150 -1.36 -39.17 17.79
N LEU B 151 -0.63 -38.08 17.99
CA LEU B 151 -0.10 -37.78 19.32
C LEU B 151 -1.17 -37.17 20.21
N ASP B 152 -2.07 -36.37 19.64
CA ASP B 152 -3.20 -35.85 20.42
C ASP B 152 -4.07 -36.98 20.95
N LYS B 153 -4.15 -38.10 20.20
CA LYS B 153 -5.00 -39.22 20.58
C LYS B 153 -4.27 -40.24 21.45
N TYR B 154 -3.11 -40.71 20.98
CA TYR B 154 -2.41 -41.82 21.60
C TYR B 154 -1.37 -41.39 22.61
N MET B 155 -1.02 -40.10 22.66
CA MET B 155 -0.05 -39.65 23.64
C MET B 155 -0.44 -38.31 24.24
N PRO B 156 -1.54 -38.23 24.99
CA PRO B 156 -1.97 -36.89 25.46
C PRO B 156 -1.14 -36.37 26.62
N GLN B 157 -0.68 -37.25 27.52
CA GLN B 157 0.21 -36.82 28.59
C GLN B 157 1.47 -36.19 28.02
N PHE B 158 1.98 -36.74 26.92
CA PHE B 158 3.12 -36.13 26.24
C PHE B 158 2.74 -34.81 25.60
N MET B 159 1.60 -34.79 24.90
CA MET B 159 1.18 -33.58 24.18
C MET B 159 0.88 -32.43 25.13
N LYS B 160 0.51 -32.73 26.38
CA LYS B 160 0.24 -31.68 27.35
C LYS B 160 1.47 -30.83 27.61
N HIS B 161 2.66 -31.44 27.58
CA HIS B 161 3.90 -30.71 27.74
C HIS B 161 4.20 -29.79 26.57
N LEU B 162 3.45 -29.89 25.47
CA LEU B 162 3.76 -29.18 24.25
C LEU B 162 2.74 -28.07 23.98
N HIS B 163 3.23 -27.01 23.33
CA HIS B 163 2.38 -25.92 22.86
C HIS B 163 1.35 -26.46 21.87
N TYR B 164 0.26 -25.72 21.72
CA TYR B 164 -0.76 -26.13 20.75
C TYR B 164 -0.40 -25.72 19.33
N ARG B 165 0.56 -24.82 19.15
CA ARG B 165 1.01 -24.43 17.83
C ARG B 165 2.09 -25.39 17.33
N ILE B 166 2.27 -25.43 16.02
CA ILE B 166 3.24 -26.33 15.40
C ILE B 166 4.12 -25.52 14.44
N ILE B 167 5.18 -26.17 13.98
CA ILE B 167 6.06 -25.61 12.97
C ILE B 167 6.30 -26.64 11.88
N ASP B 168 5.55 -26.56 10.78
CA ASP B 168 5.61 -27.54 9.71
C ASP B 168 6.54 -27.03 8.61
N VAL B 169 7.62 -27.77 8.36
CA VAL B 169 8.52 -27.42 7.27
C VAL B 169 7.85 -27.63 5.92
N SER B 170 6.82 -28.49 5.86
CA SER B 170 6.07 -28.68 4.62
C SER B 170 5.19 -27.48 4.27
N THR B 171 5.12 -26.48 5.15
CA THR B 171 4.38 -25.26 4.88
C THR B 171 5.25 -24.23 4.16
N VAL B 172 6.50 -24.07 4.60
CA VAL B 172 7.42 -23.20 3.89
C VAL B 172 7.96 -23.88 2.63
N LYS B 173 7.92 -25.21 2.56
CA LYS B 173 8.20 -25.88 1.30
C LYS B 173 7.19 -25.48 0.25
N GLU B 174 5.91 -25.57 0.59
CA GLU B 174 4.85 -25.13 -0.33
C GLU B 174 4.95 -23.63 -0.60
N LEU B 175 5.37 -22.85 0.40
CA LEU B 175 5.61 -21.44 0.18
C LEU B 175 6.83 -21.20 -0.68
N CYS B 176 7.84 -22.08 -0.59
CA CYS B 176 9.03 -21.94 -1.42
C CYS B 176 8.71 -22.21 -2.89
N ARG B 177 7.90 -23.23 -3.17
CA ARG B 177 7.51 -23.53 -4.54
C ARG B 177 6.90 -22.30 -5.22
N ARG B 178 5.89 -21.71 -4.59
CA ARG B 178 5.09 -20.68 -5.24
C ARG B 178 5.87 -19.39 -5.40
N TRP B 179 6.67 -19.03 -4.40
CA TRP B 179 7.30 -17.73 -4.35
C TRP B 179 8.77 -17.74 -4.74
N TYR B 180 9.49 -18.81 -4.44
CA TYR B 180 10.92 -18.91 -4.75
C TYR B 180 11.19 -20.22 -5.47
N PRO B 181 10.68 -20.39 -6.69
CA PRO B 181 10.74 -21.69 -7.36
C PRO B 181 12.12 -22.00 -7.92
N GLU B 182 12.88 -20.97 -8.29
CA GLU B 182 14.23 -21.17 -8.78
C GLU B 182 15.12 -21.78 -7.70
N GLU B 183 15.19 -21.12 -6.54
CA GLU B 183 15.92 -21.68 -5.42
C GLU B 183 15.29 -22.96 -4.91
N TYR B 184 13.98 -23.16 -5.16
CA TYR B 184 13.35 -24.40 -4.74
C TYR B 184 13.92 -25.61 -5.48
N GLU B 185 14.40 -25.42 -6.71
CA GLU B 185 14.98 -26.54 -7.44
C GLU B 185 16.31 -26.97 -6.84
N PHE B 186 17.01 -26.05 -6.17
CA PHE B 186 18.24 -26.43 -5.47
C PHE B 186 17.99 -27.32 -4.27
N ALA B 187 16.72 -27.61 -3.95
CA ALA B 187 16.39 -28.36 -2.76
C ALA B 187 17.14 -29.69 -2.74
N PRO B 188 17.70 -30.09 -1.60
CA PRO B 188 18.40 -31.35 -1.53
C PRO B 188 17.40 -32.51 -1.51
N LYS B 189 17.85 -33.65 -1.99
CA LYS B 189 17.07 -34.87 -1.88
C LYS B 189 17.11 -35.37 -0.44
N LYS B 190 15.94 -35.58 0.15
CA LYS B 190 15.90 -36.26 1.44
C LYS B 190 16.52 -37.64 1.31
N ALA B 191 17.45 -37.96 2.19
CA ALA B 191 18.33 -39.12 2.02
C ALA B 191 17.62 -40.44 2.17
N ALA B 192 16.29 -40.50 2.18
CA ALA B 192 15.55 -41.76 2.32
C ALA B 192 16.03 -42.56 3.53
N SER B 193 16.03 -41.89 4.68
CA SER B 193 16.50 -42.53 5.91
C SER B 193 15.52 -43.61 6.34
N HIS B 194 16.06 -44.74 6.80
CA HIS B 194 15.26 -45.86 7.26
C HIS B 194 14.94 -45.79 8.75
N ARG B 195 15.43 -44.78 9.44
CA ARG B 195 15.16 -44.58 10.87
C ARG B 195 14.59 -43.18 11.06
N ALA B 196 13.47 -43.10 11.78
CA ALA B 196 12.73 -41.84 11.90
C ALA B 196 13.56 -40.73 12.52
N LEU B 197 14.60 -41.06 13.30
CA LEU B 197 15.46 -40.01 13.85
C LEU B 197 16.35 -39.40 12.77
N ASP B 198 16.76 -40.20 11.79
CA ASP B 198 17.52 -39.65 10.66
C ASP B 198 16.62 -38.93 9.67
N ASP B 199 15.34 -39.32 9.60
CA ASP B 199 14.37 -38.56 8.82
C ASP B 199 14.32 -37.11 9.26
N ILE B 200 14.36 -36.87 10.58
CA ILE B 200 14.31 -35.51 11.11
C ILE B 200 15.52 -34.72 10.64
N SER B 201 16.70 -35.35 10.60
CA SER B 201 17.90 -34.67 10.17
C SER B 201 17.75 -34.08 8.78
N GLU B 202 17.01 -34.78 7.91
CA GLU B 202 16.71 -34.24 6.60
C GLU B 202 15.76 -33.05 6.70
N SER B 203 14.74 -33.16 7.56
CA SER B 203 13.75 -32.08 7.69
C SER B 203 14.41 -30.79 8.17
N ILE B 204 15.30 -30.88 9.14
CA ILE B 204 16.00 -29.69 9.62
C ILE B 204 16.92 -29.15 8.53
N LYS B 205 17.66 -30.05 7.88
CA LYS B 205 18.54 -29.63 6.78
C LYS B 205 17.74 -28.97 5.67
N GLU B 206 16.52 -29.47 5.42
CA GLU B 206 15.62 -28.81 4.48
C GLU B 206 15.20 -27.43 5.00
N LEU B 207 14.82 -27.36 6.28
CA LEU B 207 14.37 -26.09 6.83
C LEU B 207 15.51 -25.08 6.88
N GLN B 208 16.72 -25.55 7.18
CA GLN B 208 17.88 -24.65 7.16
C GLN B 208 18.10 -24.09 5.76
N PHE B 209 17.87 -24.89 4.73
CA PHE B 209 17.94 -24.40 3.35
C PHE B 209 16.99 -23.22 3.16
N TYR B 210 15.70 -23.44 3.41
CA TYR B 210 14.72 -22.37 3.20
C TYR B 210 15.09 -21.10 3.94
N ARG B 211 15.79 -21.23 5.08
CA ARG B 211 16.25 -20.04 5.77
C ARG B 211 17.34 -19.31 5.00
N ASN B 212 18.30 -20.06 4.42
CA ASN B 212 19.46 -19.44 3.81
C ASN B 212 19.09 -18.70 2.53
N ASN B 213 18.32 -19.34 1.64
CA ASN B 213 18.10 -18.83 0.29
C ASN B 213 16.72 -18.21 0.07
N ILE B 214 15.80 -18.32 1.04
CA ILE B 214 14.48 -17.76 0.89
C ILE B 214 14.20 -16.64 1.89
N PHE B 215 14.77 -16.70 3.09
CA PHE B 215 14.52 -15.70 4.11
C PHE B 215 15.55 -14.57 4.02
N LYS B 216 15.10 -13.36 4.32
CA LYS B 216 15.96 -12.18 4.22
C LYS B 216 17.12 -12.27 5.21
N LYS B 217 18.31 -11.92 4.73
CA LYS B 217 19.50 -11.91 5.56
C LYS B 217 19.67 -10.55 6.23
N LYS B 218 20.24 -10.56 7.44
CA LYS B 218 20.43 -9.37 8.23
C LYS B 218 21.90 -9.21 8.60
N ILE B 219 22.33 -7.96 8.70
CA ILE B 219 23.71 -7.65 9.07
C ILE B 219 23.79 -6.27 9.70
N GLU D 28 -0.22 24.29 -48.00
CA GLU D 28 0.61 25.46 -47.74
C GLU D 28 1.02 25.54 -46.27
N GLY D 29 2.14 26.20 -46.01
CA GLY D 29 2.58 26.40 -44.64
C GLY D 29 1.73 27.39 -43.88
N GLY D 30 1.16 28.37 -44.58
CA GLY D 30 0.30 29.33 -43.93
C GLY D 30 -0.96 28.72 -43.31
N ALA D 31 -1.50 27.69 -43.96
CA ALA D 31 -2.66 27.00 -43.39
C ALA D 31 -2.29 26.32 -42.08
N ALA D 32 -1.17 25.59 -42.06
CA ALA D 32 -0.70 24.99 -40.83
C ALA D 32 -0.27 26.04 -39.82
N MET D 33 0.24 27.17 -40.30
CA MET D 33 0.67 28.23 -39.39
C MET D 33 -0.53 28.93 -38.76
N ALA D 34 -1.46 29.42 -39.59
CA ALA D 34 -2.63 30.12 -39.07
C ALA D 34 -3.44 29.24 -38.14
N ALA D 35 -3.50 27.94 -38.41
CA ALA D 35 -4.14 27.03 -37.48
C ALA D 35 -3.26 26.80 -36.24
N GLY D 36 -1.95 26.66 -36.43
CA GLY D 36 -1.06 26.43 -35.30
C GLY D 36 -0.98 27.61 -34.36
N GLU D 37 -0.73 28.80 -34.89
CA GLU D 37 -0.58 29.99 -34.06
C GLU D 37 -1.87 30.41 -33.38
N SER D 38 -3.00 29.75 -33.66
CA SER D 38 -4.24 30.02 -32.97
C SER D 38 -4.79 28.82 -32.21
N MET D 39 -4.22 27.63 -32.40
CA MET D 39 -4.54 26.51 -31.53
C MET D 39 -3.71 26.54 -30.25
N ALA D 40 -2.46 27.01 -30.36
CA ALA D 40 -1.67 27.28 -29.17
C ALA D 40 -2.33 28.36 -28.32
N GLN D 41 -3.14 29.21 -28.93
CA GLN D 41 -3.90 30.23 -28.23
C GLN D 41 -5.02 29.65 -27.38
N ARG D 42 -5.23 28.33 -27.41
CA ARG D 42 -6.26 27.70 -26.58
C ARG D 42 -5.78 27.55 -25.14
N MET D 43 -6.73 27.31 -24.25
CA MET D 43 -6.45 27.10 -22.84
C MET D 43 -6.94 25.71 -22.44
N VAL D 44 -6.25 25.12 -21.46
CA VAL D 44 -6.64 23.83 -20.88
C VAL D 44 -7.17 24.10 -19.48
N TRP D 45 -8.45 23.83 -19.26
CA TRP D 45 -9.11 24.07 -17.98
C TRP D 45 -9.30 22.76 -17.25
N VAL D 46 -8.88 22.73 -15.98
CA VAL D 46 -9.01 21.54 -15.15
C VAL D 46 -9.64 21.92 -13.82
N ASP D 47 -10.16 20.91 -13.12
CA ASP D 47 -10.68 21.09 -11.77
C ASP D 47 -10.54 19.76 -11.05
N LEU D 48 -9.63 19.70 -10.08
CA LEU D 48 -9.35 18.47 -9.37
C LEU D 48 -10.04 18.47 -8.01
N GLU D 49 -10.39 17.26 -7.57
CA GLU D 49 -10.72 17.01 -6.17
C GLU D 49 -9.78 15.96 -5.66
N MET D 50 -9.32 16.12 -4.42
CA MET D 50 -8.29 15.26 -3.86
C MET D 50 -8.66 14.91 -2.42
N THR D 51 -7.86 14.01 -1.83
CA THR D 51 -8.07 13.64 -0.44
C THR D 51 -7.75 14.82 0.48
N GLY D 52 -6.52 15.32 0.42
CA GLY D 52 -6.11 16.44 1.24
C GLY D 52 -5.19 17.42 0.52
N LEU D 53 -4.01 17.68 1.10
CA LEU D 53 -3.12 18.70 0.56
C LEU D 53 -1.65 18.33 0.72
N ASP D 54 -1.33 17.04 0.80
CA ASP D 54 0.05 16.58 0.95
C ASP D 54 0.45 15.85 -0.31
N ILE D 55 1.43 16.39 -1.03
CA ILE D 55 1.93 15.74 -2.23
C ILE D 55 2.50 14.36 -1.89
N GLU D 56 3.18 14.24 -0.75
CA GLU D 56 3.78 12.97 -0.37
C GLU D 56 2.74 11.90 -0.08
N LYS D 57 1.50 12.28 0.20
CA LYS D 57 0.50 11.29 0.61
C LYS D 57 -0.81 11.41 -0.15
N ASP D 58 -1.32 12.62 -0.37
CA ASP D 58 -2.66 12.79 -0.90
C ASP D 58 -2.75 12.39 -2.36
N GLN D 59 -3.97 12.08 -2.79
CA GLN D 59 -4.23 11.54 -4.13
C GLN D 59 -5.41 12.25 -4.77
N ILE D 60 -5.41 12.29 -6.10
CA ILE D 60 -6.54 12.83 -6.84
C ILE D 60 -7.70 11.85 -6.77
N ILE D 61 -8.92 12.39 -6.71
CA ILE D 61 -10.11 11.54 -6.67
C ILE D 61 -11.10 11.95 -7.75
N GLU D 62 -11.15 13.25 -8.08
CA GLU D 62 -11.98 13.74 -9.15
C GLU D 62 -11.15 14.65 -10.05
N MET D 63 -11.50 14.67 -11.34
CA MET D 63 -10.80 15.51 -12.30
C MET D 63 -11.68 15.69 -13.52
N ALA D 64 -11.81 16.95 -13.96
CA ALA D 64 -12.55 17.29 -15.17
C ALA D 64 -11.68 18.20 -16.03
N CYS D 65 -11.73 17.99 -17.34
CA CYS D 65 -10.98 18.80 -18.29
C CYS D 65 -11.94 19.46 -19.27
N LEU D 66 -11.47 20.53 -19.90
CA LEU D 66 -12.29 21.35 -20.78
C LEU D 66 -11.39 22.34 -21.49
N ILE D 67 -11.69 22.61 -22.76
CA ILE D 67 -10.85 23.44 -23.62
C ILE D 67 -11.65 24.65 -24.06
N THR D 68 -11.01 25.83 -23.98
CA THR D 68 -11.56 27.06 -24.51
C THR D 68 -10.57 27.67 -25.49
N ASP D 69 -11.07 28.61 -26.30
CA ASP D 69 -10.23 29.29 -27.28
C ASP D 69 -9.42 30.38 -26.61
N SER D 70 -8.96 31.36 -27.40
CA SER D 70 -8.26 32.51 -26.83
C SER D 70 -9.20 33.37 -25.99
N ASP D 71 -10.48 33.43 -26.35
CA ASP D 71 -11.44 34.32 -25.73
C ASP D 71 -12.48 33.56 -24.88
N LEU D 72 -12.06 32.44 -24.26
CA LEU D 72 -12.83 31.72 -23.25
C LEU D 72 -14.10 31.07 -23.80
N ASN D 73 -14.15 30.75 -25.09
CA ASN D 73 -15.30 30.06 -25.67
C ASN D 73 -15.01 28.56 -25.72
N ILE D 74 -15.91 27.77 -25.14
CA ILE D 74 -15.69 26.34 -25.03
C ILE D 74 -15.67 25.71 -26.41
N LEU D 75 -14.58 25.03 -26.74
CA LEU D 75 -14.45 24.32 -28.01
C LEU D 75 -14.75 22.84 -27.89
N ALA D 76 -14.38 22.22 -26.77
CA ALA D 76 -14.68 20.82 -26.51
C ALA D 76 -14.60 20.59 -25.01
N GLU D 77 -15.53 19.82 -24.47
CA GLU D 77 -15.56 19.49 -23.06
C GLU D 77 -15.04 18.06 -22.85
N GLY D 78 -14.22 17.88 -21.82
CA GLY D 78 -13.66 16.60 -21.51
C GLY D 78 -14.52 15.83 -20.55
N PRO D 79 -14.05 14.67 -20.10
CA PRO D 79 -14.81 13.88 -19.13
C PRO D 79 -14.61 14.37 -17.71
N ASN D 80 -15.65 14.20 -16.90
CA ASN D 80 -15.63 14.54 -15.48
C ASN D 80 -15.60 13.23 -14.71
N LEU D 81 -14.41 12.69 -14.52
CA LEU D 81 -14.22 11.37 -13.94
C LEU D 81 -14.19 11.44 -12.41
N ILE D 82 -14.27 10.27 -11.78
CA ILE D 82 -14.07 10.11 -10.35
C ILE D 82 -13.18 8.90 -10.15
N ILE D 83 -12.02 9.11 -9.54
CA ILE D 83 -10.94 8.12 -9.53
C ILE D 83 -11.06 7.25 -8.29
N LYS D 84 -10.84 5.95 -8.46
CA LYS D 84 -10.87 5.02 -7.34
C LYS D 84 -9.58 5.12 -6.53
N GLN D 85 -9.71 5.44 -5.25
CA GLN D 85 -8.61 5.50 -4.31
C GLN D 85 -8.93 4.62 -3.11
N PRO D 86 -7.92 4.01 -2.49
CA PRO D 86 -8.17 3.05 -1.42
C PRO D 86 -8.95 3.67 -0.27
N ASP D 87 -9.82 2.85 0.35
CA ASP D 87 -10.70 3.34 1.39
C ASP D 87 -9.93 3.82 2.62
N GLU D 88 -8.72 3.32 2.83
CA GLU D 88 -7.90 3.76 3.95
C GLU D 88 -7.75 5.28 3.95
N LEU D 89 -7.16 5.82 2.87
CA LEU D 89 -6.98 7.26 2.78
C LEU D 89 -8.31 8.00 2.79
N LEU D 90 -9.34 7.41 2.19
CA LEU D 90 -10.67 8.01 2.20
C LEU D 90 -11.16 8.21 3.62
N ASP D 91 -10.99 7.19 4.47
CA ASP D 91 -11.33 7.33 5.87
C ASP D 91 -10.24 8.06 6.66
N SER D 92 -8.99 7.99 6.21
CA SER D 92 -7.89 8.64 6.90
C SER D 92 -7.82 10.14 6.64
N MET D 93 -8.65 10.68 5.75
CA MET D 93 -8.58 12.10 5.45
C MET D 93 -9.20 12.92 6.58
N SER D 94 -8.94 14.22 6.54
CA SER D 94 -9.36 15.11 7.62
C SER D 94 -10.88 15.20 7.71
N ASP D 95 -11.35 15.71 8.86
CA ASP D 95 -12.78 15.82 9.08
C ASP D 95 -13.42 16.81 8.10
N TRP D 96 -12.74 17.93 7.84
CA TRP D 96 -13.26 18.90 6.87
C TRP D 96 -13.49 18.23 5.52
N CYS D 97 -12.50 17.46 5.06
CA CYS D 97 -12.67 16.72 3.82
C CYS D 97 -13.72 15.61 3.98
N LYS D 98 -13.64 14.86 5.08
CA LYS D 98 -14.59 13.78 5.32
C LYS D 98 -16.03 14.32 5.35
N GLU D 99 -16.23 15.51 5.91
CA GLU D 99 -17.54 16.12 5.90
C GLU D 99 -17.88 16.67 4.52
N HIS D 100 -16.90 17.30 3.86
CA HIS D 100 -17.14 17.87 2.54
C HIS D 100 -17.29 16.78 1.49
N HIS D 101 -16.27 15.92 1.37
CA HIS D 101 -16.35 14.80 0.43
C HIS D 101 -17.50 13.86 0.76
N GLY D 102 -17.99 13.88 1.99
CA GLY D 102 -19.15 13.11 2.36
C GLY D 102 -20.44 13.76 1.89
N LYS D 103 -20.62 15.04 2.21
CA LYS D 103 -21.84 15.75 1.82
C LYS D 103 -21.99 15.84 0.31
N SER D 104 -20.91 15.69 -0.44
CA SER D 104 -20.98 15.66 -1.90
C SER D 104 -21.23 14.27 -2.45
N GLY D 105 -21.23 13.24 -1.61
CA GLY D 105 -21.29 11.87 -2.08
C GLY D 105 -20.06 11.41 -2.84
N LEU D 106 -19.03 12.26 -2.93
CA LEU D 106 -17.83 11.93 -3.69
C LEU D 106 -17.12 10.72 -3.10
N THR D 107 -17.24 10.51 -1.79
CA THR D 107 -16.55 9.42 -1.12
C THR D 107 -17.08 8.06 -1.59
N LYS D 108 -18.41 7.92 -1.65
CA LYS D 108 -19.00 6.67 -2.13
C LYS D 108 -18.56 6.37 -3.55
N ALA D 109 -18.45 7.40 -4.39
CA ALA D 109 -18.03 7.19 -5.76
C ALA D 109 -16.59 6.69 -5.82
N VAL D 110 -15.69 7.31 -5.05
CA VAL D 110 -14.29 6.93 -5.09
C VAL D 110 -14.11 5.47 -4.71
N LYS D 111 -14.63 5.08 -3.54
CA LYS D 111 -14.48 3.70 -3.10
C LYS D 111 -15.19 2.72 -4.02
N GLU D 112 -16.25 3.16 -4.69
CA GLU D 112 -17.02 2.32 -5.60
C GLU D 112 -16.90 2.79 -7.04
N SER D 113 -15.70 3.19 -7.45
CA SER D 113 -15.41 3.54 -8.83
C SER D 113 -14.64 2.41 -9.50
N THR D 114 -14.19 2.64 -10.73
CA THR D 114 -13.57 1.59 -11.52
C THR D 114 -12.35 2.06 -12.30
N ILE D 115 -11.81 3.24 -12.03
CA ILE D 115 -10.82 3.88 -12.89
C ILE D 115 -9.55 4.09 -12.08
N THR D 116 -8.48 3.39 -12.46
CA THR D 116 -7.18 3.68 -11.89
C THR D 116 -6.60 4.96 -12.51
N LEU D 117 -5.45 5.38 -11.99
CA LEU D 117 -4.95 6.72 -12.28
C LEU D 117 -4.52 6.87 -13.73
N GLN D 118 -3.51 6.09 -14.15
CA GLN D 118 -3.03 6.18 -15.53
C GLN D 118 -4.14 5.88 -16.52
N GLN D 119 -5.10 5.03 -16.13
CA GLN D 119 -6.32 4.85 -16.92
C GLN D 119 -7.06 6.18 -17.08
N ALA D 120 -7.40 6.81 -15.95
CA ALA D 120 -8.06 8.11 -16.01
C ALA D 120 -7.15 9.17 -16.59
N GLU D 121 -5.84 9.07 -16.36
CA GLU D 121 -4.90 9.98 -17.00
C GLU D 121 -4.97 9.87 -18.51
N TYR D 122 -5.06 8.65 -19.04
CA TYR D 122 -5.10 8.46 -20.48
C TYR D 122 -6.36 9.05 -21.09
N GLU D 123 -7.50 8.89 -20.42
CA GLU D 123 -8.74 9.46 -20.91
C GLU D 123 -8.68 10.99 -20.98
N PHE D 124 -7.66 11.60 -20.41
CA PHE D 124 -7.37 13.02 -20.57
C PHE D 124 -6.21 13.29 -21.51
N LEU D 125 -5.17 12.44 -21.46
CA LEU D 125 -4.03 12.61 -22.36
C LEU D 125 -4.46 12.52 -23.82
N SER D 126 -5.40 11.64 -24.14
CA SER D 126 -5.89 11.53 -25.51
C SER D 126 -6.75 12.73 -25.88
N PHE D 127 -7.61 13.18 -24.95
CA PHE D 127 -8.48 14.32 -25.23
C PHE D 127 -7.67 15.55 -25.59
N VAL D 128 -6.68 15.90 -24.76
CA VAL D 128 -5.87 17.08 -25.03
C VAL D 128 -4.95 16.88 -26.22
N ARG D 129 -4.65 15.63 -26.58
CA ARG D 129 -3.79 15.38 -27.74
C ARG D 129 -4.45 15.84 -29.04
N GLN D 130 -5.76 15.64 -29.15
CA GLN D 130 -6.51 16.03 -30.34
C GLN D 130 -7.17 17.40 -30.20
N GLN D 131 -6.65 18.25 -29.31
CA GLN D 131 -7.16 19.61 -29.15
C GLN D 131 -6.10 20.69 -29.06
N THR D 132 -4.90 20.39 -28.56
CA THR D 132 -3.87 21.39 -28.34
C THR D 132 -2.55 20.93 -28.95
N PRO D 133 -1.74 21.86 -29.44
CA PRO D 133 -0.37 21.52 -29.84
C PRO D 133 0.44 21.09 -28.63
N PRO D 134 1.16 19.97 -28.73
CA PRO D 134 1.90 19.46 -27.57
C PRO D 134 3.01 20.39 -27.11
N GLY D 135 2.86 20.92 -25.90
CA GLY D 135 3.87 21.78 -25.30
C GLY D 135 3.59 23.26 -25.40
N LEU D 136 2.50 23.68 -26.05
CA LEU D 136 2.19 25.09 -26.21
C LEU D 136 0.98 25.55 -25.42
N CYS D 137 0.15 24.64 -24.92
CA CYS D 137 -1.03 25.20 -24.28
C CYS D 137 -0.89 25.14 -22.76
N PRO D 138 -1.34 26.19 -22.07
CA PRO D 138 -1.16 26.28 -20.63
C PRO D 138 -2.35 25.71 -19.88
N LEU D 139 -2.20 25.66 -18.55
CA LEU D 139 -3.28 25.27 -17.66
C LEU D 139 -4.06 26.51 -17.23
N ALA D 140 -5.37 26.33 -17.07
CA ALA D 140 -6.25 27.42 -16.66
C ALA D 140 -7.24 26.91 -15.62
N GLY D 141 -7.63 27.80 -14.72
CA GLY D 141 -8.55 27.45 -13.66
C GLY D 141 -8.24 28.25 -12.42
N ASN D 142 -9.08 28.03 -11.41
CA ASN D 142 -8.99 28.77 -10.16
C ASN D 142 -8.00 28.09 -9.22
N SER D 143 -6.92 28.79 -8.89
CA SER D 143 -5.87 28.28 -7.99
C SER D 143 -5.35 26.94 -8.49
N VAL D 144 -4.85 26.94 -9.73
CA VAL D 144 -4.38 25.72 -10.38
C VAL D 144 -2.95 25.35 -10.03
N HIS D 145 -2.19 26.25 -9.39
CA HIS D 145 -0.86 25.88 -8.90
C HIS D 145 -0.94 24.68 -7.98
N GLU D 146 -2.06 24.52 -7.26
CA GLU D 146 -2.32 23.28 -6.55
C GLU D 146 -2.50 22.12 -7.51
N ASP D 147 -3.34 22.31 -8.53
CA ASP D 147 -3.65 21.23 -9.46
C ASP D 147 -2.40 20.79 -10.22
N LYS D 148 -1.64 21.75 -10.76
CA LYS D 148 -0.44 21.40 -11.50
C LYS D 148 0.56 20.64 -10.63
N LYS D 149 0.69 21.05 -9.36
CA LYS D 149 1.60 20.35 -8.45
C LYS D 149 1.21 18.89 -8.29
N PHE D 150 -0.09 18.62 -8.17
CA PHE D 150 -0.55 17.24 -8.10
C PHE D 150 -0.44 16.55 -9.45
N LEU D 151 -0.65 17.29 -10.55
CA LEU D 151 -0.58 16.70 -11.87
C LEU D 151 0.86 16.44 -12.31
N ASP D 152 1.78 17.34 -11.97
CA ASP D 152 3.19 17.16 -12.30
C ASP D 152 3.75 15.90 -11.67
N LYS D 153 3.06 15.35 -10.68
CA LYS D 153 3.51 14.18 -9.95
C LYS D 153 2.69 12.92 -10.23
N TYR D 154 1.36 13.03 -10.37
CA TYR D 154 0.49 11.88 -10.66
C TYR D 154 0.19 11.68 -12.15
N MET D 155 0.18 12.76 -12.94
CA MET D 155 -0.11 12.70 -14.37
C MET D 155 1.04 13.36 -15.14
N PRO D 156 2.20 12.69 -15.18
CA PRO D 156 3.36 13.28 -15.87
C PRO D 156 3.24 13.26 -17.39
N GLN D 157 2.70 12.18 -17.94
CA GLN D 157 2.44 12.13 -19.38
C GLN D 157 1.55 13.29 -19.80
N PHE D 158 0.49 13.53 -19.05
CA PHE D 158 -0.41 14.66 -19.28
C PHE D 158 0.37 15.97 -19.32
N MET D 159 1.04 16.29 -18.22
CA MET D 159 1.71 17.59 -18.08
C MET D 159 2.78 17.82 -19.13
N LYS D 160 3.32 16.75 -19.73
CA LYS D 160 4.31 16.94 -20.79
C LYS D 160 3.68 17.52 -22.05
N HIS D 161 2.40 17.26 -22.27
CA HIS D 161 1.70 17.80 -23.44
C HIS D 161 1.42 19.29 -23.31
N LEU D 162 1.41 19.82 -22.10
CA LEU D 162 0.99 21.19 -21.86
C LEU D 162 2.19 22.09 -21.61
N HIS D 163 1.90 23.36 -21.35
CA HIS D 163 2.92 24.39 -21.14
C HIS D 163 3.23 24.52 -19.65
N TYR D 164 4.47 24.89 -19.35
CA TYR D 164 4.87 25.05 -17.95
C TYR D 164 4.14 26.21 -17.30
N ARG D 165 3.77 27.22 -18.09
CA ARG D 165 2.99 28.34 -17.56
C ARG D 165 1.56 27.90 -17.28
N ILE D 166 0.85 28.74 -16.53
CA ILE D 166 -0.54 28.50 -16.16
C ILE D 166 -1.31 29.81 -16.32
N ILE D 167 -2.63 29.71 -16.18
CA ILE D 167 -3.52 30.87 -16.16
C ILE D 167 -4.37 30.72 -14.91
N ASP D 168 -3.98 31.40 -13.84
CA ASP D 168 -4.62 31.27 -12.54
C ASP D 168 -5.67 32.35 -12.39
N VAL D 169 -6.94 31.94 -12.29
CA VAL D 169 -8.02 32.91 -12.10
C VAL D 169 -7.89 33.60 -10.76
N SER D 170 -7.28 32.94 -9.78
CA SER D 170 -7.11 33.54 -8.46
C SER D 170 -6.20 34.76 -8.51
N THR D 171 -5.21 34.76 -9.41
CA THR D 171 -4.33 35.90 -9.55
C THR D 171 -5.10 37.15 -9.95
N VAL D 172 -6.01 37.02 -10.92
CA VAL D 172 -6.83 38.15 -11.32
C VAL D 172 -7.75 38.56 -10.17
N LYS D 173 -8.25 37.58 -9.41
CA LYS D 173 -9.09 37.89 -8.27
C LYS D 173 -8.34 38.70 -7.23
N GLU D 174 -7.12 38.27 -6.89
CA GLU D 174 -6.32 39.00 -5.91
C GLU D 174 -5.95 40.39 -6.44
N LEU D 175 -5.69 40.50 -7.74
CA LEU D 175 -5.38 41.81 -8.32
C LEU D 175 -6.63 42.69 -8.38
N CYS D 176 -7.75 42.12 -8.83
CA CYS D 176 -8.99 42.88 -8.89
C CYS D 176 -9.43 43.34 -7.51
N ARG D 177 -9.24 42.49 -6.49
CA ARG D 177 -9.58 42.88 -5.13
C ARG D 177 -8.75 44.07 -4.68
N ARG D 178 -7.45 44.05 -4.96
CA ARG D 178 -6.57 45.13 -4.51
C ARG D 178 -6.82 46.41 -5.28
N TRP D 179 -6.98 46.31 -6.60
CA TRP D 179 -7.01 47.48 -7.47
C TRP D 179 -8.41 47.99 -7.77
N TYR D 180 -9.38 47.09 -7.95
CA TYR D 180 -10.76 47.45 -8.26
C TYR D 180 -11.68 46.86 -7.19
N PRO D 181 -11.59 47.35 -5.95
CA PRO D 181 -12.41 46.75 -4.88
C PRO D 181 -13.87 47.12 -4.97
N GLU D 182 -14.19 48.31 -5.50
CA GLU D 182 -15.58 48.69 -5.71
C GLU D 182 -16.26 47.73 -6.68
N GLU D 183 -15.52 47.25 -7.68
CA GLU D 183 -16.08 46.30 -8.65
C GLU D 183 -15.99 44.87 -8.15
N TYR D 184 -15.01 44.58 -7.28
CA TYR D 184 -14.83 43.20 -6.80
C TYR D 184 -16.06 42.72 -6.05
N GLU D 185 -16.72 43.61 -5.30
CA GLU D 185 -17.91 43.21 -4.57
C GLU D 185 -19.05 42.80 -5.50
N PHE D 186 -19.04 43.26 -6.75
CA PHE D 186 -20.05 42.90 -7.73
C PHE D 186 -19.71 41.61 -8.48
N ALA D 187 -18.85 40.77 -7.91
CA ALA D 187 -18.52 39.50 -8.53
C ALA D 187 -19.73 38.56 -8.45
N PRO D 188 -19.79 37.57 -9.35
CA PRO D 188 -20.84 36.56 -9.25
C PRO D 188 -20.57 35.59 -8.13
N LYS D 189 -21.65 35.05 -7.56
CA LYS D 189 -21.56 34.10 -6.47
C LYS D 189 -21.42 32.69 -7.02
N LYS D 190 -20.63 31.87 -6.31
CA LYS D 190 -20.47 30.49 -6.70
C LYS D 190 -21.80 29.74 -6.60
N ALA D 191 -21.89 28.64 -7.35
CA ALA D 191 -23.11 27.85 -7.42
C ALA D 191 -22.80 26.40 -7.07
N ALA D 192 -23.87 25.62 -6.92
CA ALA D 192 -23.75 24.21 -6.53
C ALA D 192 -22.92 23.45 -7.55
N SER D 193 -21.84 22.83 -7.07
CA SER D 193 -20.93 22.07 -7.93
C SER D 193 -21.29 20.59 -7.81
N HIS D 194 -22.23 20.15 -8.64
CA HIS D 194 -22.57 18.73 -8.69
C HIS D 194 -21.36 17.89 -9.12
N ARG D 195 -20.43 18.49 -9.85
CA ARG D 195 -19.23 17.82 -10.32
C ARG D 195 -18.19 18.87 -10.66
N ALA D 196 -16.98 18.41 -10.98
CA ALA D 196 -15.86 19.33 -11.18
C ALA D 196 -16.05 20.17 -12.44
N LEU D 197 -16.67 19.60 -13.48
CA LEU D 197 -16.89 20.36 -14.71
C LEU D 197 -17.66 21.65 -14.46
N ASP D 198 -18.61 21.61 -13.53
CA ASP D 198 -19.35 22.82 -13.18
C ASP D 198 -18.45 23.85 -12.52
N ASP D 199 -17.52 23.39 -11.68
CA ASP D 199 -16.55 24.30 -11.07
C ASP D 199 -15.67 24.96 -12.13
N ILE D 200 -15.31 24.21 -13.18
CA ILE D 200 -14.57 24.79 -14.29
C ILE D 200 -15.36 25.94 -14.90
N SER D 201 -16.62 25.68 -15.26
CA SER D 201 -17.45 26.71 -15.88
C SER D 201 -17.59 27.93 -15.00
N GLU D 202 -17.57 27.75 -13.67
CA GLU D 202 -17.64 28.90 -12.76
C GLU D 202 -16.37 29.74 -12.85
N SER D 203 -15.21 29.10 -12.90
CA SER D 203 -13.95 29.83 -12.98
C SER D 203 -13.88 30.67 -14.25
N ILE D 204 -14.52 30.22 -15.32
CA ILE D 204 -14.51 30.98 -16.57
C ILE D 204 -15.38 32.23 -16.45
N LYS D 205 -16.59 32.07 -15.93
CA LYS D 205 -17.48 33.23 -15.75
C LYS D 205 -16.85 34.26 -14.81
N GLU D 206 -16.17 33.80 -13.76
CA GLU D 206 -15.42 34.70 -12.90
C GLU D 206 -14.35 35.44 -13.68
N LEU D 207 -13.69 34.74 -14.60
CA LEU D 207 -12.63 35.38 -15.39
C LEU D 207 -13.20 36.37 -16.38
N GLN D 208 -14.31 36.01 -17.05
CA GLN D 208 -14.90 36.93 -18.02
C GLN D 208 -15.48 38.17 -17.34
N PHE D 209 -16.05 38.01 -16.15
CA PHE D 209 -16.52 39.16 -15.40
C PHE D 209 -15.38 40.13 -15.13
N TYR D 210 -14.20 39.61 -14.82
CA TYR D 210 -13.02 40.46 -14.66
C TYR D 210 -12.70 41.19 -15.96
N ARG D 211 -12.83 40.50 -17.10
CA ARG D 211 -12.50 41.12 -18.37
C ARG D 211 -13.49 42.24 -18.71
N ASN D 212 -14.78 42.03 -18.44
CA ASN D 212 -15.77 43.05 -18.73
C ASN D 212 -15.65 44.24 -17.78
N ASN D 213 -15.11 44.03 -16.58
CA ASN D 213 -15.25 45.00 -15.50
C ASN D 213 -13.97 45.68 -15.07
N ILE D 214 -12.81 45.03 -15.17
CA ILE D 214 -11.57 45.63 -14.69
C ILE D 214 -10.51 45.72 -15.78
N PHE D 215 -10.84 45.39 -17.02
CA PHE D 215 -9.88 45.39 -18.11
C PHE D 215 -10.16 46.53 -19.07
N LYS D 216 -9.09 46.97 -19.75
CA LYS D 216 -9.23 47.97 -20.80
C LYS D 216 -10.20 47.49 -21.86
N LYS D 217 -11.22 48.29 -22.13
CA LYS D 217 -12.27 47.84 -23.03
C LYS D 217 -11.80 47.87 -24.47
N LYS D 218 -12.50 47.10 -25.31
CA LYS D 218 -12.34 47.16 -26.74
C LYS D 218 -13.65 47.44 -27.46
N ILE D 219 -14.75 47.57 -26.72
CA ILE D 219 -16.08 47.75 -27.29
C ILE D 219 -16.78 48.90 -26.57
N ASP D 220 -18.01 49.17 -26.97
CA ASP D 220 -18.81 50.24 -26.37
C ASP D 220 -20.30 49.95 -26.58
N ARG D 224 -21.84 53.07 -29.96
CA ARG D 224 -21.70 51.64 -30.25
C ARG D 224 -20.50 51.37 -31.12
N LYS D 225 -19.43 52.12 -30.91
CA LYS D 225 -18.23 51.98 -31.73
C LYS D 225 -17.26 50.98 -31.11
N ILE D 226 -16.26 50.60 -31.90
CA ILE D 226 -15.11 49.85 -31.41
C ILE D 226 -14.02 50.87 -31.11
N ILE D 227 -13.32 50.67 -29.99
CA ILE D 227 -12.34 51.68 -29.57
C ILE D 227 -10.93 51.19 -29.89
N ALA E 34 -8.88 48.71 9.29
CA ALA E 34 -8.53 49.44 8.07
C ALA E 34 -7.06 49.24 7.73
N ALA E 35 -6.19 49.46 8.71
CA ALA E 35 -4.76 49.22 8.50
C ALA E 35 -4.48 47.74 8.25
N GLY E 36 -5.17 46.86 8.97
CA GLY E 36 -5.00 45.43 8.73
C GLY E 36 -5.35 45.03 7.31
N GLU E 37 -6.36 45.68 6.73
CA GLU E 37 -6.71 45.42 5.34
C GLU E 37 -5.59 45.87 4.40
N SER E 38 -5.08 47.08 4.60
CA SER E 38 -4.01 47.58 3.75
C SER E 38 -2.74 46.76 3.90
N MET E 39 -2.56 46.09 5.05
CA MET E 39 -1.40 45.23 5.25
C MET E 39 -1.66 43.79 4.82
N ALA E 40 -2.87 43.28 5.05
CA ALA E 40 -3.22 41.96 4.53
C ALA E 40 -3.24 41.94 3.02
N GLN E 41 -3.31 43.11 2.37
CA GLN E 41 -3.24 43.22 0.92
C GLN E 41 -1.85 43.56 0.43
N ARG E 42 -0.81 43.14 1.15
CA ARG E 42 0.54 43.24 0.66
C ARG E 42 0.93 41.97 -0.08
N MET E 43 2.01 42.05 -0.85
CA MET E 43 2.48 40.94 -1.65
C MET E 43 3.87 40.52 -1.21
N VAL E 44 4.13 39.22 -1.31
CA VAL E 44 5.41 38.64 -0.92
C VAL E 44 6.07 38.13 -2.20
N TRP E 45 7.08 38.86 -2.68
CA TRP E 45 7.75 38.54 -3.93
C TRP E 45 8.99 37.72 -3.63
N VAL E 46 9.13 36.59 -4.34
CA VAL E 46 10.21 35.65 -4.11
C VAL E 46 10.59 35.02 -5.45
N ASP E 47 11.89 34.97 -5.73
CA ASP E 47 12.41 34.25 -6.88
C ASP E 47 13.52 33.33 -6.44
N LEU E 48 13.50 32.10 -6.96
CA LEU E 48 14.50 31.09 -6.65
C LEU E 48 15.24 30.71 -7.91
N GLU E 49 16.56 30.56 -7.78
CA GLU E 49 17.38 29.94 -8.82
C GLU E 49 17.72 28.53 -8.32
N MET E 50 17.26 27.51 -9.03
CA MET E 50 17.38 26.14 -8.57
C MET E 50 18.29 25.33 -9.50
N THR E 51 18.81 24.23 -8.96
CA THR E 51 19.73 23.39 -9.71
C THR E 51 19.00 22.73 -10.87
N GLY E 52 17.84 22.15 -10.61
CA GLY E 52 17.04 21.53 -11.66
C GLY E 52 15.56 21.63 -11.32
N LEU E 53 14.75 21.45 -12.35
CA LEU E 53 13.29 21.49 -12.19
C LEU E 53 12.73 20.20 -11.62
N ASP E 54 13.56 19.17 -11.44
CA ASP E 54 13.09 17.92 -10.85
C ASP E 54 12.95 18.09 -9.34
N ILE E 55 11.81 17.66 -8.80
CA ILE E 55 11.50 17.94 -7.39
C ILE E 55 12.28 17.01 -6.47
N GLU E 56 12.26 15.70 -6.75
CA GLU E 56 12.77 14.73 -5.79
C GLU E 56 14.28 14.82 -5.61
N LYS E 57 15.01 15.17 -6.67
CA LYS E 57 16.47 15.16 -6.64
C LYS E 57 17.07 16.56 -6.52
N ASP E 58 16.65 17.48 -7.39
CA ASP E 58 17.28 18.79 -7.45
C ASP E 58 16.99 19.62 -6.21
N GLN E 59 17.94 20.48 -5.85
CA GLN E 59 17.89 21.29 -4.64
C GLN E 59 17.68 22.76 -5.00
N ILE E 60 18.13 23.66 -4.13
CA ILE E 60 17.96 25.10 -4.33
C ILE E 60 19.33 25.77 -4.24
N ILE E 61 19.48 26.87 -4.98
CA ILE E 61 20.77 27.55 -5.07
C ILE E 61 20.70 28.95 -4.46
N GLU E 62 19.96 29.86 -5.09
CA GLU E 62 19.88 31.25 -4.65
C GLU E 62 18.44 31.58 -4.31
N MET E 63 18.27 32.62 -3.50
CA MET E 63 16.94 33.09 -3.11
C MET E 63 16.99 34.56 -2.77
N ALA E 64 15.99 35.30 -3.26
CA ALA E 64 15.83 36.71 -2.94
C ALA E 64 14.35 36.98 -2.67
N CYS E 65 14.09 37.98 -1.84
CA CYS E 65 12.72 38.28 -1.44
C CYS E 65 12.56 39.78 -1.24
N LEU E 66 11.34 40.26 -1.46
CA LEU E 66 11.00 41.65 -1.26
C LEU E 66 9.51 41.76 -0.95
N ILE E 67 9.09 42.94 -0.51
CA ILE E 67 7.71 43.17 -0.08
C ILE E 67 7.18 44.42 -0.76
N THR E 68 6.01 44.31 -1.37
CA THR E 68 5.31 45.44 -1.98
C THR E 68 3.89 45.52 -1.44
N ASP E 69 3.33 46.72 -1.47
CA ASP E 69 1.95 46.93 -1.04
C ASP E 69 1.01 46.51 -2.18
N SER E 70 -0.27 46.89 -2.07
CA SER E 70 -1.23 46.52 -3.09
C SER E 70 -0.91 47.18 -4.42
N ASP E 71 -0.34 48.39 -4.39
CA ASP E 71 -0.02 49.15 -5.59
C ASP E 71 1.43 48.97 -6.02
N LEU E 72 2.02 47.81 -5.72
CA LEU E 72 3.33 47.39 -6.21
C LEU E 72 4.48 48.23 -5.67
N ASN E 73 4.18 49.30 -4.93
CA ASN E 73 5.23 50.08 -4.27
C ASN E 73 5.89 49.20 -3.21
N ILE E 74 7.18 48.94 -3.38
CA ILE E 74 7.86 47.98 -2.52
C ILE E 74 8.27 48.68 -1.23
N LEU E 75 8.12 47.97 -0.11
CA LEU E 75 8.29 48.56 1.21
C LEU E 75 9.47 48.00 1.99
N ALA E 76 10.09 46.91 1.50
CA ALA E 76 11.23 46.30 2.17
C ALA E 76 11.86 45.24 1.29
N GLU E 77 13.18 45.27 1.16
CA GLU E 77 13.90 44.21 0.45
C GLU E 77 14.41 43.20 1.47
N GLY E 78 13.96 41.95 1.33
CA GLY E 78 14.49 40.89 2.14
C GLY E 78 15.90 40.52 1.70
N PRO E 79 16.47 39.52 2.37
CA PRO E 79 17.84 39.11 2.06
C PRO E 79 17.91 38.44 0.69
N ASN E 80 19.14 38.30 0.20
CA ASN E 80 19.42 37.67 -1.08
C ASN E 80 20.71 36.89 -0.92
N LEU E 81 20.63 35.56 -0.91
CA LEU E 81 21.76 34.74 -0.49
C LEU E 81 21.75 33.42 -1.24
N ILE E 82 22.96 32.90 -1.48
CA ILE E 82 23.13 31.59 -2.08
C ILE E 82 23.08 30.51 -0.99
N ILE E 83 22.83 29.28 -1.41
CA ILE E 83 22.74 28.15 -0.48
C ILE E 83 23.68 27.06 -0.96
N LYS E 84 24.55 26.58 -0.08
CA LYS E 84 25.49 25.52 -0.42
C LYS E 84 24.76 24.23 -0.72
N GLN E 85 25.21 23.53 -1.76
CA GLN E 85 24.67 22.25 -2.16
C GLN E 85 25.83 21.34 -2.52
N PRO E 86 25.62 20.02 -2.49
CA PRO E 86 26.74 19.09 -2.73
C PRO E 86 27.42 19.32 -4.07
N ASP E 87 28.74 19.09 -4.09
CA ASP E 87 29.47 19.12 -5.35
C ASP E 87 28.97 18.05 -6.30
N GLU E 88 28.55 16.90 -5.77
CA GLU E 88 27.96 15.86 -6.61
C GLU E 88 26.64 16.30 -7.21
N LEU E 89 25.88 17.14 -6.49
CA LEU E 89 24.62 17.64 -7.02
C LEU E 89 24.86 18.58 -8.20
N LEU E 90 25.87 19.45 -8.09
CA LEU E 90 26.12 20.44 -9.13
C LEU E 90 26.75 19.83 -10.37
N ASP E 91 27.62 18.83 -10.21
CA ASP E 91 28.18 18.15 -11.37
C ASP E 91 27.13 17.33 -12.10
N SER E 92 26.10 16.87 -11.38
CA SER E 92 25.02 16.11 -12.00
C SER E 92 24.06 17.02 -12.78
N MET E 93 24.04 18.31 -12.48
CA MET E 93 23.11 19.23 -13.16
C MET E 93 23.40 19.27 -14.65
N SER E 94 22.33 19.47 -15.42
CA SER E 94 22.42 19.43 -16.87
C SER E 94 23.23 20.61 -17.40
N ASP E 95 23.61 20.51 -18.68
CA ASP E 95 24.48 21.51 -19.28
C ASP E 95 23.83 22.88 -19.30
N TRP E 96 22.52 22.93 -19.50
CA TRP E 96 21.82 24.21 -19.45
C TRP E 96 22.00 24.88 -18.11
N CYS E 97 21.68 24.18 -17.02
CA CYS E 97 21.97 24.71 -15.69
C CYS E 97 23.46 24.91 -15.49
N LYS E 98 24.28 23.95 -15.95
CA LYS E 98 25.72 24.10 -15.83
C LYS E 98 26.21 25.32 -16.59
N GLU E 99 25.59 25.62 -17.75
CA GLU E 99 25.93 26.84 -18.46
C GLU E 99 25.30 28.05 -17.79
N HIS E 100 24.00 27.97 -17.48
CA HIS E 100 23.32 29.11 -16.87
C HIS E 100 23.92 29.45 -15.51
N HIS E 101 24.19 28.43 -14.68
CA HIS E 101 24.75 28.68 -13.37
C HIS E 101 26.27 28.79 -13.39
N GLY E 102 26.93 28.27 -14.43
CA GLY E 102 28.35 28.43 -14.57
C GLY E 102 28.71 29.79 -15.14
N LYS E 103 28.04 30.18 -16.24
CA LYS E 103 28.30 31.49 -16.84
C LYS E 103 27.83 32.62 -15.92
N SER E 104 26.78 32.41 -15.14
CA SER E 104 26.34 33.40 -14.18
C SER E 104 26.95 33.18 -12.80
N GLY E 105 27.76 32.13 -12.63
CA GLY E 105 28.51 31.94 -11.41
C GLY E 105 27.72 31.43 -10.22
N LEU E 106 26.48 30.98 -10.41
CA LEU E 106 25.73 30.39 -9.30
C LEU E 106 26.49 29.20 -8.73
N THR E 107 26.98 28.32 -9.60
CA THR E 107 27.73 27.15 -9.16
C THR E 107 28.94 27.54 -8.33
N LYS E 108 29.70 28.54 -8.79
CA LYS E 108 30.87 28.99 -8.04
C LYS E 108 30.47 29.61 -6.71
N ALA E 109 29.40 30.41 -6.70
CA ALA E 109 28.94 31.02 -5.46
C ALA E 109 28.38 29.99 -4.50
N VAL E 110 27.79 28.91 -5.02
CA VAL E 110 27.32 27.83 -4.16
C VAL E 110 28.49 27.21 -3.40
N LYS E 111 29.62 27.05 -4.08
CA LYS E 111 30.77 26.36 -3.48
C LYS E 111 31.29 27.10 -2.25
N GLU E 112 31.12 28.42 -2.19
CA GLU E 112 31.62 29.21 -1.08
C GLU E 112 30.49 29.80 -0.24
N SER E 113 29.30 29.19 -0.27
CA SER E 113 28.17 29.66 0.51
C SER E 113 28.17 28.93 1.85
N THR E 114 28.43 29.66 2.93
CA THR E 114 28.42 29.08 4.27
C THR E 114 27.01 28.94 4.84
N ILE E 115 25.98 29.23 4.05
CA ILE E 115 24.60 29.26 4.54
C ILE E 115 23.94 27.93 4.18
N THR E 116 23.42 27.24 5.20
CA THR E 116 22.63 26.05 4.96
C THR E 116 21.17 26.43 4.70
N LEU E 117 20.36 25.42 4.37
CA LEU E 117 18.94 25.66 4.15
C LEU E 117 18.25 26.03 5.45
N GLN E 118 18.55 25.29 6.53
CA GLN E 118 17.92 25.56 7.82
C GLN E 118 18.24 26.96 8.32
N GLN E 119 19.41 27.49 7.95
CA GLN E 119 19.70 28.89 8.25
C GLN E 119 18.93 29.82 7.32
N ALA E 120 18.81 29.46 6.04
CA ALA E 120 18.17 30.32 5.07
C ALA E 120 16.68 30.47 5.34
N GLU E 121 16.01 29.36 5.67
CA GLU E 121 14.59 29.43 6.02
C GLU E 121 14.36 30.36 7.20
N TYR E 122 15.26 30.32 8.19
CA TYR E 122 15.14 31.20 9.35
C TYR E 122 15.24 32.66 8.93
N GLU E 123 16.30 33.03 8.20
CA GLU E 123 16.52 34.42 7.83
C GLU E 123 15.35 35.00 7.05
N PHE E 124 14.79 34.23 6.12
CA PHE E 124 13.66 34.73 5.34
C PHE E 124 12.40 34.78 6.18
N LEU E 125 12.09 33.69 6.90
CA LEU E 125 10.92 33.69 7.76
C LEU E 125 11.01 34.80 8.80
N SER E 126 12.20 35.02 9.36
CA SER E 126 12.38 36.12 10.31
C SER E 126 12.10 37.47 9.65
N PHE E 127 12.46 37.61 8.37
CA PHE E 127 12.24 38.88 7.68
C PHE E 127 10.75 39.09 7.40
N VAL E 128 10.10 38.10 6.79
CA VAL E 128 8.72 38.30 6.35
C VAL E 128 7.78 38.43 7.55
N ARG E 129 8.12 37.81 8.67
CA ARG E 129 7.28 37.90 9.87
C ARG E 129 7.08 39.33 10.33
N GLN E 130 8.10 40.18 10.15
CA GLN E 130 7.98 41.58 10.56
C GLN E 130 7.18 42.42 9.58
N GLN E 131 7.07 41.99 8.31
CA GLN E 131 6.47 42.81 7.28
C GLN E 131 5.03 42.44 6.94
N THR E 132 4.62 41.20 7.19
CA THR E 132 3.31 40.75 6.73
C THR E 132 2.55 40.08 7.87
N PRO E 133 1.22 40.08 7.80
CA PRO E 133 0.44 39.23 8.70
C PRO E 133 0.56 37.77 8.28
N PRO E 134 0.58 36.85 9.24
CA PRO E 134 0.81 35.43 8.92
C PRO E 134 -0.43 34.79 8.31
N GLY E 135 -0.27 34.24 7.11
CA GLY E 135 -1.34 33.53 6.45
C GLY E 135 -2.27 34.37 5.60
N LEU E 136 -1.97 35.66 5.42
CA LEU E 136 -2.85 36.55 4.69
C LEU E 136 -2.25 37.10 3.40
N CYS E 137 -0.95 36.95 3.17
CA CYS E 137 -0.31 37.55 2.01
C CYS E 137 0.13 36.48 1.00
N PRO E 138 0.00 36.75 -0.30
CA PRO E 138 0.30 35.72 -1.30
C PRO E 138 1.68 35.84 -1.92
N LEU E 139 2.16 34.75 -2.51
CA LEU E 139 3.41 34.78 -3.26
C LEU E 139 3.18 35.46 -4.61
N ALA E 140 4.08 36.38 -4.95
CA ALA E 140 3.97 37.13 -6.20
C ALA E 140 5.24 36.95 -7.02
N GLY E 141 5.09 36.90 -8.33
CA GLY E 141 6.22 36.78 -9.22
C GLY E 141 5.81 36.13 -10.52
N ASN E 142 6.82 35.92 -11.37
CA ASN E 142 6.63 35.34 -12.70
C ASN E 142 6.73 33.82 -12.57
N SER E 143 5.59 33.14 -12.62
CA SER E 143 5.49 31.69 -12.44
C SER E 143 6.10 31.28 -11.09
N VAL E 144 5.44 31.74 -10.03
CA VAL E 144 5.84 31.37 -8.68
C VAL E 144 5.34 29.98 -8.31
N HIS E 145 4.39 29.43 -9.05
CA HIS E 145 3.87 28.09 -8.76
C HIS E 145 4.99 27.06 -8.76
N GLU E 146 5.99 27.22 -9.61
CA GLU E 146 7.15 26.33 -9.57
C GLU E 146 8.13 26.73 -8.47
N ASP E 147 8.25 28.03 -8.20
CA ASP E 147 9.01 28.46 -7.02
C ASP E 147 8.32 28.00 -5.75
N LYS E 148 7.01 28.20 -5.66
CA LYS E 148 6.25 27.74 -4.50
C LYS E 148 6.25 26.21 -4.42
N LYS E 149 6.36 25.54 -5.57
CA LYS E 149 6.40 24.08 -5.59
C LYS E 149 7.52 23.52 -4.72
N PHE E 150 8.58 24.31 -4.50
CA PHE E 150 9.70 23.90 -3.66
C PHE E 150 9.61 24.44 -2.25
N LEU E 151 9.13 25.68 -2.08
CA LEU E 151 9.06 26.26 -0.75
C LEU E 151 8.14 25.48 0.18
N ASP E 152 7.09 24.84 -0.37
CA ASP E 152 6.29 23.95 0.45
C ASP E 152 7.07 22.71 0.86
N LYS E 153 7.92 22.21 -0.04
CA LYS E 153 8.64 20.96 0.24
C LYS E 153 9.91 21.21 1.04
N TYR E 154 10.61 22.31 0.79
CA TYR E 154 11.92 22.54 1.38
C TYR E 154 11.94 23.65 2.43
N MET E 155 10.96 24.55 2.44
CA MET E 155 10.87 25.61 3.46
C MET E 155 9.45 25.68 4.00
N PRO E 156 8.95 24.61 4.62
CA PRO E 156 7.52 24.57 4.98
C PRO E 156 7.11 25.60 6.01
N GLN E 157 7.96 25.87 7.00
CA GLN E 157 7.64 26.83 8.04
C GLN E 157 7.38 28.21 7.43
N PHE E 158 8.26 28.64 6.52
CA PHE E 158 8.04 29.86 5.76
C PHE E 158 6.64 29.89 5.16
N MET E 159 6.27 28.83 4.45
CA MET E 159 5.03 28.84 3.67
C MET E 159 3.79 28.92 4.56
N LYS E 160 3.89 28.47 5.81
CA LYS E 160 2.75 28.59 6.72
C LYS E 160 2.39 30.05 6.96
N HIS E 161 3.38 30.95 6.90
CA HIS E 161 3.12 32.37 7.03
C HIS E 161 2.39 32.95 5.82
N LEU E 162 2.49 32.30 4.67
CA LEU E 162 1.96 32.85 3.43
C LEU E 162 0.63 32.22 3.06
N HIS E 163 -0.17 32.99 2.32
CA HIS E 163 -1.47 32.53 1.84
C HIS E 163 -1.29 31.32 0.93
N TYR E 164 -2.39 30.58 0.74
CA TYR E 164 -2.38 29.48 -0.21
C TYR E 164 -2.47 29.95 -1.65
N ARG E 165 -2.84 31.21 -1.87
CA ARG E 165 -2.91 31.78 -3.21
C ARG E 165 -1.57 32.36 -3.63
N ILE E 166 -1.47 32.70 -4.91
CA ILE E 166 -0.29 33.35 -5.48
C ILE E 166 -0.76 34.48 -6.39
N ILE E 167 0.18 35.33 -6.77
CA ILE E 167 -0.03 36.36 -7.77
C ILE E 167 0.99 36.11 -8.87
N ASP E 168 0.58 35.40 -9.91
CA ASP E 168 1.47 34.94 -10.97
C ASP E 168 1.34 35.92 -12.14
N VAL E 169 2.37 36.76 -12.31
CA VAL E 169 2.34 37.72 -13.40
C VAL E 169 2.53 37.05 -14.75
N SER E 170 3.01 35.80 -14.77
CA SER E 170 3.02 35.03 -16.01
C SER E 170 1.61 34.72 -16.49
N THR E 171 0.62 34.75 -15.58
CA THR E 171 -0.76 34.55 -15.97
C THR E 171 -1.35 35.80 -16.61
N VAL E 172 -1.01 36.98 -16.08
CA VAL E 172 -1.38 38.23 -16.76
C VAL E 172 -0.64 38.32 -18.09
N LYS E 173 0.65 37.97 -18.08
CA LYS E 173 1.45 37.93 -19.30
C LYS E 173 0.79 37.08 -20.37
N GLU E 174 0.34 35.88 -19.99
CA GLU E 174 -0.30 34.99 -20.95
C GLU E 174 -1.62 35.55 -21.45
N LEU E 175 -2.29 36.38 -20.64
CA LEU E 175 -3.52 37.03 -21.10
C LEU E 175 -3.24 38.30 -21.89
N CYS E 176 -2.13 38.98 -21.62
CA CYS E 176 -1.77 40.15 -22.41
C CYS E 176 -1.56 39.78 -23.88
N ARG E 177 -0.99 38.60 -24.13
CA ARG E 177 -0.84 38.13 -25.51
C ARG E 177 -2.20 37.84 -26.13
N ARG E 178 -2.98 36.96 -25.49
CA ARG E 178 -4.21 36.45 -26.07
C ARG E 178 -5.19 37.55 -26.41
N TRP E 179 -5.22 38.62 -25.61
CA TRP E 179 -6.24 39.64 -25.72
C TRP E 179 -5.71 40.98 -26.19
N TYR E 180 -4.52 41.39 -25.78
CA TYR E 180 -3.97 42.71 -26.09
C TYR E 180 -2.61 42.56 -26.76
N PRO E 181 -2.57 41.94 -27.95
CA PRO E 181 -1.27 41.62 -28.55
C PRO E 181 -0.49 42.85 -29.00
N GLU E 182 -1.18 43.85 -29.54
CA GLU E 182 -0.51 45.09 -29.92
C GLU E 182 0.11 45.75 -28.68
N GLU E 183 -0.66 45.84 -27.60
CA GLU E 183 -0.10 46.33 -26.35
C GLU E 183 0.97 45.41 -25.80
N TYR E 184 0.83 44.10 -26.04
CA TYR E 184 1.78 43.14 -25.48
C TYR E 184 3.16 43.31 -26.08
N GLU E 185 3.24 43.42 -27.41
CA GLU E 185 4.54 43.49 -28.07
C GLU E 185 5.39 44.67 -27.62
N PHE E 186 4.80 45.64 -26.92
CA PHE E 186 5.55 46.75 -26.33
C PHE E 186 6.16 46.39 -24.98
N ALA E 187 6.15 45.12 -24.60
CA ALA E 187 6.58 44.74 -23.26
C ALA E 187 8.06 45.03 -23.08
N PRO E 188 8.47 45.56 -21.92
CA PRO E 188 9.89 45.70 -21.64
C PRO E 188 10.46 44.35 -21.22
N LYS E 189 11.67 44.06 -21.70
CA LYS E 189 12.20 42.71 -21.62
C LYS E 189 13.35 42.62 -20.64
N LYS E 190 13.43 41.48 -19.95
CA LYS E 190 14.44 41.27 -18.92
C LYS E 190 15.82 41.11 -19.53
N ALA E 191 16.84 41.48 -18.75
CA ALA E 191 18.22 41.35 -19.17
C ALA E 191 18.78 39.98 -18.83
N ALA E 196 19.58 36.85 -8.26
CA ALA E 196 18.16 36.59 -8.42
C ALA E 196 17.33 37.79 -7.98
N LEU E 197 18.01 38.86 -7.57
CA LEU E 197 17.31 40.03 -7.08
C LEU E 197 16.64 40.80 -8.22
N ASP E 198 17.43 41.23 -9.21
CA ASP E 198 16.89 42.00 -10.31
C ASP E 198 15.87 41.22 -11.14
N ASP E 199 15.93 39.88 -11.09
CA ASP E 199 14.92 39.08 -11.78
C ASP E 199 13.53 39.39 -11.23
N ILE E 200 13.42 39.64 -9.93
CA ILE E 200 12.15 40.07 -9.36
C ILE E 200 11.80 41.47 -9.84
N SER E 201 12.76 42.39 -9.80
CA SER E 201 12.50 43.77 -10.17
C SER E 201 11.97 43.88 -11.60
N GLU E 202 12.46 43.04 -12.50
CA GLU E 202 11.91 43.01 -13.85
C GLU E 202 10.48 42.49 -13.85
N SER E 203 10.21 41.46 -13.03
CA SER E 203 8.86 40.88 -13.00
C SER E 203 7.86 41.87 -12.44
N ILE E 204 8.25 42.65 -11.43
CA ILE E 204 7.37 43.68 -10.89
C ILE E 204 7.11 44.77 -11.94
N LYS E 205 8.17 45.23 -12.59
CA LYS E 205 8.02 46.22 -13.65
C LYS E 205 7.15 45.69 -14.79
N GLU E 206 7.20 44.38 -15.05
CA GLU E 206 6.34 43.78 -16.05
C GLU E 206 4.87 43.90 -15.62
N LEU E 207 4.58 43.68 -14.34
CA LEU E 207 3.20 43.76 -13.88
C LEU E 207 2.66 45.18 -13.94
N GLN E 208 3.50 46.17 -13.61
CA GLN E 208 3.07 47.55 -13.71
C GLN E 208 2.74 47.92 -15.16
N PHE E 209 3.49 47.38 -16.11
CA PHE E 209 3.20 47.57 -17.53
C PHE E 209 1.76 47.16 -17.85
N TYR E 210 1.36 45.96 -17.42
CA TYR E 210 0.02 45.48 -17.71
C TYR E 210 -1.03 46.37 -17.07
N ARG E 211 -0.78 46.83 -15.83
CA ARG E 211 -1.74 47.69 -15.16
C ARG E 211 -1.86 49.04 -15.87
N ASN E 212 -0.73 49.60 -16.33
CA ASN E 212 -0.79 50.87 -17.04
C ASN E 212 -1.58 50.76 -18.32
N ASN E 213 -1.56 49.60 -18.97
CA ASN E 213 -2.06 49.47 -20.33
C ASN E 213 -3.35 48.65 -20.40
N ILE E 214 -3.26 47.34 -20.19
CA ILE E 214 -4.38 46.43 -20.45
C ILE E 214 -5.41 46.43 -19.33
N PHE E 215 -5.28 47.34 -18.38
CA PHE E 215 -6.23 47.46 -17.28
C PHE E 215 -7.06 48.74 -17.41
N LYS E 216 -8.21 48.70 -16.75
CA LYS E 216 -9.33 49.52 -17.17
C LYS E 216 -9.05 51.00 -16.99
N LYS E 217 -8.42 51.37 -15.89
CA LYS E 217 -8.10 52.75 -15.52
C LYS E 217 -9.36 53.44 -15.00
N LYS E 218 -9.17 54.42 -14.13
CA LYS E 218 -10.27 55.11 -13.45
C LYS E 218 -9.92 56.55 -13.09
#